data_9J7S
#
_entry.id   9J7S
#
_cell.length_a   124.234
_cell.length_b   51.468
_cell.length_c   132.657
_cell.angle_alpha   90.00
_cell.angle_beta   113.75
_cell.angle_gamma   90.00
#
_symmetry.space_group_name_H-M   'P 1 21 1'
#
loop_
_entity.id
_entity.type
_entity.pdbx_description
1 polymer 'Phospho-2-dehydro-3-deoxyheptonate aldolase'
2 non-polymer DI(HYDROXYETHYL)ETHER
3 non-polymer PHENYLALANINE
4 water water
#
_entity_poly.entity_id   1
_entity_poly.type   'polypeptide(L)'
_entity_poly.pdbx_seq_one_letter_code
;MNYQNDDVRVKQIKELLPPIALLEKFPATDKAAFTVHEARHAIHNILVGKDDRLVVVIGPCSIHDTKAALEYAERLKEIR
EELKDSLEIVMRVYFEKPRTTVGWKGLINDPHMDHSFDINEGLRIARELLLTINDQGLPTAGEFLDVISPQYVADLMSWG
AIGARTTESQIHRELASGLSCPVGFKNGTDGTIKIAIDAINSARSAHSFLSVTKWGHSAIVNTSGNPDCHIILRGGKEPN
YSAEHVKAVREGLINAGLIPSIMIDFSHANSSKKFEKQMEVATDVSTQLSQGDRSITGVMIESHLVEGNQNLESGEPLVY
GKSVTDACIGWDDTEKVLRQLSEAVIARRNK
;
_entity_poly.pdbx_strand_id   A,B,C,D
#
loop_
_chem_comp.id
_chem_comp.type
_chem_comp.name
_chem_comp.formula
PEG non-polymer DI(HYDROXYETHYL)ETHER 'C4 H10 O3'
#
# COMPACT_ATOMS: atom_id res chain seq x y z
N TYR A 3 -27.29 1.35 5.75
CA TYR A 3 -26.97 2.51 6.64
C TYR A 3 -25.48 2.46 6.99
N GLN A 4 -25.11 2.38 8.28
CA GLN A 4 -23.70 2.26 8.64
C GLN A 4 -23.38 0.78 8.91
N ASN A 5 -23.07 0.02 7.84
CA ASN A 5 -22.96 -1.44 7.94
C ASN A 5 -21.51 -1.88 8.12
N ASP A 6 -20.56 -0.97 7.90
CA ASP A 6 -19.17 -1.36 7.85
C ASP A 6 -18.51 -1.13 9.19
N ASP A 7 -17.81 -2.15 9.71
CA ASP A 7 -16.92 -1.94 10.85
C ASP A 7 -17.71 -1.48 12.07
N VAL A 8 -18.93 -2.01 12.28
CA VAL A 8 -19.69 -1.51 13.42
C VAL A 8 -19.01 -2.03 14.70
N ARG A 9 -18.24 -3.12 14.65
CA ARG A 9 -17.58 -3.63 15.82
C ARG A 9 -16.06 -3.49 15.73
N VAL A 10 -15.58 -2.54 14.95
CA VAL A 10 -14.16 -2.24 14.96
C VAL A 10 -14.00 -0.94 15.73
N LYS A 11 -13.33 -1.00 16.89
CA LYS A 11 -13.08 0.20 17.66
C LYS A 11 -12.06 1.07 16.94
N GLN A 12 -11.00 0.45 16.44
CA GLN A 12 -9.94 1.13 15.71
C GLN A 12 -9.22 0.11 14.83
N ILE A 13 -8.75 0.59 13.68
CA ILE A 13 -7.93 -0.16 12.75
C ILE A 13 -6.80 0.77 12.34
N LYS A 14 -5.56 0.30 12.52
CA LYS A 14 -4.38 1.10 12.27
C LYS A 14 -3.41 0.32 11.38
N GLU A 15 -2.78 1.05 10.46
CA GLU A 15 -1.71 0.53 9.64
C GLU A 15 -0.62 0.01 10.56
N LEU A 16 -0.15 -1.17 10.19
CA LEU A 16 0.99 -1.79 10.88
C LEU A 16 2.19 -1.50 9.98
N LEU A 17 3.37 -1.42 10.56
CA LEU A 17 4.58 -1.28 9.73
C LEU A 17 4.54 -2.39 8.68
N PRO A 18 4.89 -2.12 7.41
CA PRO A 18 4.93 -3.20 6.42
C PRO A 18 6.10 -4.08 6.84
N PRO A 19 6.12 -5.39 6.52
CA PRO A 19 7.28 -6.21 6.88
C PRO A 19 8.58 -5.59 6.41
N ILE A 20 8.58 -4.97 5.22
CA ILE A 20 9.83 -4.46 4.64
C ILE A 20 10.46 -3.44 5.61
N ALA A 21 9.65 -2.72 6.37
CA ALA A 21 10.19 -1.76 7.35
C ALA A 21 10.96 -2.46 8.46
N LEU A 22 10.58 -3.67 8.84
CA LEU A 22 11.28 -4.36 9.91
C LEU A 22 12.52 -5.09 9.41
N LEU A 23 12.48 -5.51 8.15
CA LEU A 23 13.62 -6.15 7.51
C LEU A 23 14.70 -5.11 7.21
N GLU A 24 14.29 -3.89 6.86
CA GLU A 24 15.26 -2.85 6.58
C GLU A 24 15.90 -2.39 7.90
N LYS A 25 15.11 -2.29 8.97
CA LYS A 25 15.65 -1.81 10.23
C LYS A 25 16.52 -2.89 10.90
N PHE A 26 16.16 -4.16 10.74
CA PHE A 26 16.81 -5.26 11.46
C PHE A 26 17.08 -6.39 10.48
N PRO A 27 17.98 -6.18 9.49
CA PRO A 27 18.35 -7.21 8.54
C PRO A 27 19.11 -8.32 9.23
N ALA A 28 18.92 -9.53 8.69
CA ALA A 28 19.66 -10.72 9.09
C ALA A 28 21.16 -10.51 8.80
N THR A 29 22.01 -10.69 9.81
CA THR A 29 23.43 -10.70 9.56
C THR A 29 23.74 -11.97 8.78
N ASP A 30 24.98 -12.07 8.27
CA ASP A 30 25.46 -13.27 7.62
C ASP A 30 25.38 -14.45 8.60
N LYS A 31 25.67 -14.16 9.87
CA LYS A 31 25.73 -15.16 10.92
C LYS A 31 24.33 -15.64 11.32
N ALA A 32 23.37 -14.71 11.38
CA ALA A 32 21.99 -15.08 11.63
C ALA A 32 21.48 -15.97 10.52
N ALA A 33 21.69 -15.52 9.28
CA ALA A 33 21.19 -16.22 8.11
C ALA A 33 21.72 -17.66 8.07
N PHE A 34 22.99 -17.82 8.44
CA PHE A 34 23.65 -19.13 8.46
C PHE A 34 23.11 -20.01 9.60
N THR A 35 23.01 -19.47 10.82
CA THR A 35 22.46 -20.21 11.95
C THR A 35 21.09 -20.77 11.58
N VAL A 36 20.28 -19.95 10.94
CA VAL A 36 18.92 -20.32 10.55
C VAL A 36 19.00 -21.43 9.51
N HIS A 37 19.85 -21.26 8.49
CA HIS A 37 19.92 -22.21 7.39
C HIS A 37 20.35 -23.57 7.95
N GLU A 38 21.37 -23.54 8.84
CA GLU A 38 21.95 -24.77 9.35
C GLU A 38 20.99 -25.47 10.29
N ALA A 39 20.29 -24.69 11.14
CA ALA A 39 19.38 -25.28 12.11
C ALA A 39 18.19 -25.91 11.42
N ARG A 40 17.66 -25.25 10.39
CA ARG A 40 16.55 -25.83 9.63
C ARG A 40 16.95 -27.12 8.91
N HIS A 41 18.15 -27.18 8.33
CA HIS A 41 18.61 -28.41 7.66
C HIS A 41 18.79 -29.51 8.70
N ALA A 42 19.49 -29.22 9.80
CA ALA A 42 19.72 -30.18 10.87
C ALA A 42 18.41 -30.77 11.40
N ILE A 43 17.41 -29.89 11.61
CA ILE A 43 16.13 -30.33 12.15
C ILE A 43 15.44 -31.23 11.11
N HIS A 44 15.53 -30.82 9.83
CA HIS A 44 15.06 -31.70 8.78
C HIS A 44 15.71 -33.07 8.90
N ASN A 45 17.04 -33.12 9.07
CA ASN A 45 17.76 -34.39 9.02
C ASN A 45 17.32 -35.25 10.20
N ILE A 46 17.05 -34.62 11.35
CA ILE A 46 16.69 -35.40 12.52
C ILE A 46 15.28 -35.94 12.34
N LEU A 47 14.40 -35.17 11.69
CA LEU A 47 13.00 -35.54 11.59
C LEU A 47 12.84 -36.76 10.71
N VAL A 48 13.65 -36.86 9.66
CA VAL A 48 13.57 -37.96 8.71
C VAL A 48 14.42 -39.17 9.14
N GLY A 49 15.24 -39.08 10.21
CA GLY A 49 16.03 -40.20 10.70
C GLY A 49 17.45 -40.28 10.13
N LYS A 50 17.89 -39.27 9.36
CA LYS A 50 19.24 -39.25 8.81
C LYS A 50 20.24 -38.92 9.91
N ASP A 51 19.77 -38.25 10.96
CA ASP A 51 20.59 -37.78 12.06
C ASP A 51 20.01 -38.36 13.35
N ASP A 52 20.85 -38.92 14.22
CA ASP A 52 20.37 -39.70 15.35
C ASP A 52 20.33 -38.82 16.60
N ARG A 53 20.55 -37.52 16.43
CA ARG A 53 20.39 -36.59 17.53
C ARG A 53 18.91 -36.27 17.75
N LEU A 54 18.64 -35.68 18.91
CA LEU A 54 17.32 -35.21 19.32
C LEU A 54 17.25 -33.70 19.15
N VAL A 55 16.15 -33.22 18.55
CA VAL A 55 15.76 -31.82 18.55
C VAL A 55 15.24 -31.47 19.93
N VAL A 56 15.63 -30.30 20.44
CA VAL A 56 15.18 -29.84 21.75
C VAL A 56 14.78 -28.37 21.67
N VAL A 57 13.45 -28.14 21.66
CA VAL A 57 12.94 -26.80 21.73
C VAL A 57 12.68 -26.46 23.19
N ILE A 58 13.46 -25.53 23.72
CA ILE A 58 13.49 -25.28 25.15
C ILE A 58 13.53 -23.78 25.36
N GLY A 59 12.66 -23.26 26.23
CA GLY A 59 12.71 -21.84 26.53
C GLY A 59 11.70 -21.40 27.57
N PRO A 60 11.66 -20.08 27.86
CA PRO A 60 10.67 -19.50 28.76
C PRO A 60 9.24 -19.80 28.35
N CYS A 61 8.34 -19.73 29.35
CA CYS A 61 6.90 -19.72 29.10
C CYS A 61 6.57 -18.61 28.11
N SER A 62 7.07 -17.40 28.42
CA SER A 62 7.09 -16.30 27.46
C SER A 62 8.13 -15.26 27.88
N ILE A 63 8.60 -14.50 26.87
CA ILE A 63 9.53 -13.42 27.05
C ILE A 63 8.75 -12.16 27.47
N HIS A 64 9.02 -11.66 28.66
CA HIS A 64 8.50 -10.38 29.08
C HIS A 64 9.61 -9.33 29.03
N ASP A 65 10.86 -9.75 29.20
CA ASP A 65 11.96 -8.84 29.45
C ASP A 65 13.16 -9.32 28.64
N THR A 66 13.64 -8.48 27.72
CA THR A 66 14.58 -8.95 26.73
C THR A 66 15.97 -9.10 27.33
N LYS A 67 16.26 -8.38 28.41
CA LYS A 67 17.56 -8.56 29.06
C LYS A 67 17.63 -9.98 29.63
N ALA A 68 16.56 -10.44 30.29
CA ALA A 68 16.50 -11.77 30.87
C ALA A 68 16.58 -12.84 29.78
N ALA A 69 15.97 -12.58 28.62
CA ALA A 69 16.03 -13.52 27.52
C ALA A 69 17.44 -13.59 26.96
N LEU A 70 18.10 -12.44 26.76
CA LEU A 70 19.46 -12.44 26.26
C LEU A 70 20.39 -13.19 27.22
N GLU A 71 20.11 -13.06 28.52
CA GLU A 71 20.94 -13.76 29.50
C GLU A 71 20.71 -15.25 29.40
N TYR A 72 19.45 -15.66 29.26
CA TYR A 72 19.09 -17.06 29.11
C TYR A 72 19.75 -17.62 27.85
N ALA A 73 19.78 -16.82 26.79
CA ALA A 73 20.33 -17.21 25.50
C ALA A 73 21.83 -17.47 25.56
N GLU A 74 22.55 -16.63 26.29
CA GLU A 74 23.99 -16.80 26.46
C GLU A 74 24.26 -18.16 27.11
N ARG A 75 23.55 -18.48 28.20
CA ARG A 75 23.72 -19.75 28.89
C ARG A 75 23.35 -20.92 28.01
N LEU A 76 22.14 -20.88 27.41
CA LEU A 76 21.66 -21.99 26.61
C LEU A 76 22.61 -22.29 25.44
N LYS A 77 23.18 -21.22 24.87
CA LYS A 77 24.12 -21.29 23.77
C LYS A 77 25.33 -22.14 24.14
N GLU A 78 25.86 -21.99 25.37
CA GLU A 78 27.01 -22.78 25.80
C GLU A 78 26.61 -24.26 25.86
N ILE A 79 25.39 -24.56 26.28
CA ILE A 79 24.98 -25.95 26.35
C ILE A 79 24.65 -26.45 24.94
N ARG A 80 24.17 -25.57 24.04
CA ARG A 80 23.98 -25.98 22.66
C ARG A 80 25.30 -26.45 22.06
N GLU A 81 26.39 -25.71 22.37
CA GLU A 81 27.70 -25.99 21.80
C GLU A 81 28.24 -27.29 22.39
N GLU A 82 28.16 -27.45 23.70
CA GLU A 82 28.72 -28.62 24.37
C GLU A 82 27.97 -29.90 23.96
N LEU A 83 26.65 -29.85 23.86
CA LEU A 83 25.91 -31.09 23.67
C LEU A 83 25.64 -31.35 22.19
N LYS A 84 26.28 -30.60 21.30
CA LYS A 84 25.85 -30.57 19.91
C LYS A 84 25.97 -31.94 19.24
N ASP A 85 26.73 -32.87 19.84
CA ASP A 85 26.90 -34.18 19.22
C ASP A 85 25.72 -35.07 19.54
N SER A 86 24.90 -34.70 20.53
CA SER A 86 23.75 -35.51 20.90
C SER A 86 22.41 -34.77 20.74
N LEU A 87 22.40 -33.43 20.85
CA LEU A 87 21.21 -32.61 20.85
C LEU A 87 21.37 -31.49 19.82
N GLU A 88 20.25 -31.13 19.16
CA GLU A 88 20.13 -29.90 18.40
C GLU A 88 19.20 -28.96 19.16
N ILE A 89 19.77 -27.99 19.87
CA ILE A 89 19.06 -27.17 20.82
C ILE A 89 18.67 -25.86 20.15
N VAL A 90 17.39 -25.52 20.32
CA VAL A 90 16.79 -24.34 19.71
C VAL A 90 16.01 -23.62 20.81
N MET A 91 16.16 -22.32 20.90
CA MET A 91 15.51 -21.56 21.99
C MET A 91 14.08 -21.20 21.60
N ARG A 92 13.13 -21.55 22.48
CA ARG A 92 11.72 -21.13 22.29
C ARG A 92 11.64 -19.64 22.66
N VAL A 93 11.12 -18.85 21.73
CA VAL A 93 10.96 -17.42 21.90
C VAL A 93 9.49 -17.09 21.64
N TYR A 94 8.71 -16.94 22.71
CA TYR A 94 7.29 -16.67 22.57
C TYR A 94 6.89 -15.34 23.22
N PHE A 95 6.06 -14.58 22.49
CA PHE A 95 5.36 -13.39 23.00
C PHE A 95 3.85 -13.65 23.00
N ASP A 118 1.55 -1.01 21.85
CA ASP A 118 1.92 -0.65 20.46
C ASP A 118 2.49 -1.88 19.77
N ILE A 119 1.73 -2.44 18.81
CA ILE A 119 2.14 -3.65 18.12
C ILE A 119 3.34 -3.35 17.24
N ASN A 120 3.47 -2.13 16.71
CA ASN A 120 4.67 -1.78 15.96
C ASN A 120 5.93 -1.88 16.80
N GLU A 121 5.86 -1.37 18.04
CA GLU A 121 6.96 -1.48 18.97
C GLU A 121 7.18 -2.96 19.28
N GLY A 122 6.09 -3.71 19.51
CA GLY A 122 6.22 -5.12 19.79
C GLY A 122 6.99 -5.84 18.67
N LEU A 123 6.65 -5.50 17.43
CA LEU A 123 7.32 -6.14 16.30
C LEU A 123 8.79 -5.74 16.27
N ARG A 124 9.15 -4.49 16.60
CA ARG A 124 10.55 -4.08 16.60
C ARG A 124 11.33 -4.85 17.67
N ILE A 125 10.76 -4.91 18.88
CA ILE A 125 11.36 -5.63 19.99
C ILE A 125 11.58 -7.09 19.61
N ALA A 126 10.58 -7.71 18.99
CA ALA A 126 10.61 -9.14 18.69
C ALA A 126 11.66 -9.47 17.66
N ARG A 127 11.64 -8.73 16.54
CA ARG A 127 12.60 -8.98 15.49
C ARG A 127 14.02 -8.74 16.02
N GLU A 128 14.22 -7.67 16.79
CA GLU A 128 15.54 -7.33 17.28
C GLU A 128 16.05 -8.40 18.24
N LEU A 129 15.17 -8.91 19.10
CA LEU A 129 15.57 -9.99 19.99
C LEU A 129 15.98 -11.21 19.17
N LEU A 130 15.14 -11.61 18.21
CA LEU A 130 15.39 -12.80 17.41
C LEU A 130 16.73 -12.66 16.64
N LEU A 131 16.94 -11.50 16.01
CA LEU A 131 18.15 -11.23 15.26
C LEU A 131 19.39 -11.36 16.15
N THR A 132 19.34 -10.80 17.36
CA THR A 132 20.47 -10.84 18.26
C THR A 132 20.76 -12.30 18.61
N ILE A 133 19.73 -13.07 18.96
CA ILE A 133 19.94 -14.44 19.40
C ILE A 133 20.50 -15.28 18.26
N ASN A 134 19.95 -15.13 17.05
CA ASN A 134 20.46 -15.89 15.91
C ASN A 134 21.87 -15.43 15.55
N ASP A 135 22.17 -14.14 15.73
CA ASP A 135 23.48 -13.61 15.36
C ASP A 135 24.54 -14.11 16.33
N GLN A 136 24.15 -14.59 17.52
CA GLN A 136 25.07 -15.25 18.44
C GLN A 136 25.16 -16.75 18.21
N GLY A 137 24.50 -17.27 17.15
CA GLY A 137 24.62 -18.67 16.75
C GLY A 137 23.68 -19.61 17.50
N LEU A 138 22.57 -19.06 18.04
CA LEU A 138 21.51 -19.82 18.69
C LEU A 138 20.22 -19.73 17.88
N PRO A 139 19.78 -20.83 17.22
CA PRO A 139 18.54 -20.80 16.42
C PRO A 139 17.34 -20.69 17.33
N THR A 140 16.25 -20.11 16.78
CA THR A 140 15.03 -19.80 17.54
C THR A 140 13.79 -20.49 16.97
N ALA A 141 12.83 -20.71 17.87
CA ALA A 141 11.59 -21.41 17.56
C ALA A 141 10.40 -20.56 18.02
N GLY A 142 9.31 -20.56 17.25
CA GLY A 142 8.15 -19.77 17.59
C GLY A 142 6.85 -20.54 17.46
N GLU A 143 5.77 -19.81 17.38
CA GLU A 143 4.42 -20.33 17.42
C GLU A 143 3.67 -19.52 16.36
N PHE A 144 3.06 -20.18 15.39
CA PHE A 144 2.32 -19.46 14.37
C PHE A 144 0.85 -19.47 14.71
N LEU A 145 0.33 -18.31 15.12
CA LEU A 145 -1.11 -18.15 15.45
C LEU A 145 -1.86 -17.52 14.27
N ASP A 146 -1.14 -16.82 13.39
CA ASP A 146 -1.79 -16.15 12.29
C ASP A 146 -0.94 -16.22 11.00
N VAL A 147 -1.51 -15.74 9.89
CA VAL A 147 -0.89 -15.79 8.59
C VAL A 147 -0.17 -14.50 8.20
N ILE A 148 -0.14 -13.48 9.06
CA ILE A 148 0.47 -12.21 8.71
C ILE A 148 1.81 -12.00 9.43
N SER A 149 1.89 -12.40 10.70
CA SER A 149 3.07 -12.08 11.49
C SER A 149 4.25 -12.95 11.09
N PRO A 150 4.13 -14.09 10.40
CA PRO A 150 5.32 -14.71 9.83
C PRO A 150 6.11 -13.84 8.86
N GLN A 151 5.45 -12.89 8.19
CA GLN A 151 6.17 -12.10 7.21
C GLN A 151 7.19 -11.20 7.89
N TYR A 152 7.06 -11.02 9.20
CA TYR A 152 7.90 -10.12 9.97
C TYR A 152 9.10 -10.86 10.58
N VAL A 153 9.01 -12.16 10.84
CA VAL A 153 10.02 -12.80 11.65
C VAL A 153 10.46 -14.18 11.15
N ALA A 154 9.73 -14.78 10.22
CA ALA A 154 9.95 -16.18 9.86
C ALA A 154 11.37 -16.41 9.33
N ASP A 155 11.95 -15.37 8.70
CA ASP A 155 13.28 -15.49 8.16
C ASP A 155 14.32 -15.71 9.29
N LEU A 156 13.96 -15.45 10.56
CA LEU A 156 14.81 -15.76 11.69
C LEU A 156 14.31 -16.98 12.48
N MET A 157 13.46 -17.82 11.87
CA MET A 157 12.82 -18.89 12.64
C MET A 157 13.28 -20.24 12.10
N SER A 158 13.80 -21.09 12.98
CA SER A 158 14.31 -22.37 12.56
C SER A 158 13.26 -23.45 12.73
N TRP A 159 12.15 -23.11 13.42
CA TRP A 159 11.12 -24.08 13.74
C TRP A 159 9.93 -23.40 14.40
N GLY A 160 8.73 -23.96 14.21
CA GLY A 160 7.51 -23.39 14.76
C GLY A 160 6.45 -24.46 15.08
N ALA A 161 5.52 -24.10 15.99
CA ALA A 161 4.40 -24.95 16.32
C ALA A 161 3.13 -24.30 15.82
N ILE A 162 2.19 -25.14 15.38
CA ILE A 162 0.76 -24.86 15.32
C ILE A 162 0.15 -25.44 16.60
N GLY A 163 -0.60 -24.65 17.36
CA GLY A 163 -1.11 -25.04 18.66
C GLY A 163 -2.33 -25.98 18.56
N ALA A 164 -2.62 -26.63 19.69
CA ALA A 164 -3.66 -27.65 19.76
C ALA A 164 -4.99 -27.15 19.24
N ARG A 165 -5.20 -25.83 19.35
CA ARG A 165 -6.48 -25.21 19.06
C ARG A 165 -6.59 -24.89 17.57
N THR A 166 -5.48 -24.97 16.81
CA THR A 166 -5.48 -24.56 15.41
C THR A 166 -5.01 -25.71 14.53
N THR A 167 -4.64 -26.85 15.14
CA THR A 167 -4.11 -27.93 14.32
C THR A 167 -5.13 -28.36 13.28
N GLU A 168 -6.43 -28.24 13.57
CA GLU A 168 -7.45 -28.70 12.65
C GLU A 168 -7.82 -27.61 11.63
N SER A 169 -7.32 -26.41 11.83
CA SER A 169 -7.76 -25.25 11.08
C SER A 169 -7.11 -25.22 9.70
N GLN A 170 -7.93 -25.13 8.67
CA GLN A 170 -7.51 -25.04 7.29
C GLN A 170 -6.48 -23.92 7.09
N ILE A 171 -6.73 -22.68 7.55
CA ILE A 171 -5.72 -21.69 7.17
C ILE A 171 -4.39 -22.00 7.85
N HIS A 172 -4.37 -22.76 8.94
CA HIS A 172 -3.13 -22.96 9.65
C HIS A 172 -2.31 -24.05 8.97
N ARG A 173 -3.01 -25.06 8.44
CA ARG A 173 -2.41 -26.10 7.63
C ARG A 173 -1.90 -25.51 6.33
N GLU A 174 -2.66 -24.63 5.74
CA GLU A 174 -2.20 -23.93 4.54
C GLU A 174 -0.97 -23.10 4.84
N LEU A 175 -0.90 -22.45 6.00
CA LEU A 175 0.26 -21.63 6.34
C LEU A 175 1.49 -22.53 6.47
N ALA A 176 1.34 -23.62 7.23
CA ALA A 176 2.40 -24.61 7.41
C ALA A 176 2.92 -25.02 6.04
N SER A 177 2.00 -25.19 5.09
CA SER A 177 2.37 -25.67 3.78
C SER A 177 3.35 -24.73 3.09
N GLY A 178 3.39 -23.44 3.46
CA GLY A 178 4.24 -22.47 2.80
C GLY A 178 5.33 -21.86 3.70
N LEU A 179 5.59 -22.47 4.86
CA LEU A 179 6.60 -21.90 5.75
C LEU A 179 7.97 -22.46 5.40
N SER A 180 9.02 -21.62 5.56
CA SER A 180 10.38 -22.03 5.24
C SER A 180 10.98 -23.02 6.26
N CYS A 181 10.36 -23.21 7.41
CA CYS A 181 10.99 -24.04 8.44
C CYS A 181 10.15 -25.28 8.67
N PRO A 182 10.68 -26.30 9.38
CA PRO A 182 9.86 -27.41 9.85
C PRO A 182 8.76 -26.92 10.79
N VAL A 183 7.66 -27.69 10.89
CA VAL A 183 6.55 -27.33 11.76
C VAL A 183 5.99 -28.53 12.52
N GLY A 184 5.62 -28.28 13.79
CA GLY A 184 4.98 -29.26 14.63
C GLY A 184 3.48 -28.97 14.80
N PHE A 185 2.65 -29.97 14.56
CA PHE A 185 1.24 -29.89 14.90
C PHE A 185 1.04 -30.56 16.26
N LYS A 186 0.58 -29.78 17.24
CA LYS A 186 0.13 -30.34 18.49
C LYS A 186 -1.17 -31.12 18.29
N ASN A 187 -1.33 -32.20 19.07
CA ASN A 187 -2.59 -32.92 19.08
C ASN A 187 -3.67 -32.02 19.70
N GLY A 188 -4.94 -32.44 19.56
CA GLY A 188 -6.05 -31.62 20.02
C GLY A 188 -6.09 -31.52 21.55
N THR A 189 -6.87 -30.57 22.08
CA THR A 189 -6.87 -30.24 23.49
C THR A 189 -7.40 -31.42 24.33
N ASP A 190 -8.02 -32.41 23.68
CA ASP A 190 -8.61 -33.56 24.34
C ASP A 190 -7.80 -34.84 24.11
N GLY A 191 -6.65 -34.75 23.43
CA GLY A 191 -5.76 -35.88 23.20
C GLY A 191 -5.83 -36.44 21.77
N THR A 192 -6.82 -35.99 20.97
CA THR A 192 -7.07 -36.47 19.61
C THR A 192 -5.79 -36.41 18.78
N ILE A 193 -5.38 -37.56 18.25
CA ILE A 193 -4.19 -37.72 17.41
C ILE A 193 -4.52 -37.43 15.94
N LYS A 194 -5.75 -37.76 15.48
CA LYS A 194 -6.05 -37.78 14.06
C LYS A 194 -5.90 -36.41 13.41
N ILE A 195 -6.17 -35.34 14.15
CA ILE A 195 -6.17 -34.03 13.53
C ILE A 195 -4.75 -33.67 13.13
N ALA A 196 -3.77 -34.13 13.92
CA ALA A 196 -2.38 -33.85 13.63
C ALA A 196 -1.89 -34.68 12.45
N ILE A 197 -2.35 -35.93 12.39
CA ILE A 197 -1.95 -36.81 11.31
C ILE A 197 -2.48 -36.22 9.99
N ASP A 198 -3.76 -35.78 10.00
CA ASP A 198 -4.37 -35.13 8.84
C ASP A 198 -3.70 -33.77 8.54
N ALA A 199 -3.25 -33.08 9.59
CA ALA A 199 -2.58 -31.81 9.43
C ALA A 199 -1.27 -32.04 8.70
N ILE A 200 -0.50 -33.02 9.19
CA ILE A 200 0.74 -33.34 8.50
C ILE A 200 0.40 -33.64 7.05
N ASN A 201 -0.62 -34.46 6.85
CA ASN A 201 -0.92 -34.92 5.50
C ASN A 201 -1.27 -33.73 4.59
N SER A 202 -2.06 -32.80 5.11
CA SER A 202 -2.50 -31.65 4.36
C SER A 202 -1.36 -30.66 4.08
N ALA A 203 -0.44 -30.51 5.04
CA ALA A 203 0.58 -29.47 4.99
C ALA A 203 1.60 -29.75 3.90
N ARG A 204 1.74 -31.03 3.55
CA ARG A 204 2.67 -31.42 2.49
C ARG A 204 2.08 -31.18 1.09
N SER A 205 0.83 -30.68 0.94
CA SER A 205 0.31 -30.34 -0.39
C SER A 205 0.48 -28.85 -0.71
N ALA A 206 0.39 -28.47 -1.98
CA ALA A 206 0.40 -27.07 -2.36
C ALA A 206 -0.93 -26.47 -1.97
N HIS A 207 -0.94 -25.20 -1.52
CA HIS A 207 -2.16 -24.55 -1.09
C HIS A 207 -2.10 -23.07 -1.44
N SER A 208 -3.23 -22.41 -1.23
CA SER A 208 -3.35 -20.96 -1.31
C SER A 208 -3.96 -20.40 -0.02
N PHE A 209 -3.53 -19.19 0.27
CA PHE A 209 -4.03 -18.47 1.47
C PHE A 209 -3.82 -16.98 1.24
N LEU A 210 -4.60 -16.20 1.97
CA LEU A 210 -4.50 -14.74 1.87
C LEU A 210 -3.64 -14.17 3.01
N SER A 211 -2.70 -13.29 2.66
CA SER A 211 -1.91 -12.56 3.66
C SER A 211 -1.25 -11.48 2.82
N VAL A 212 -0.24 -10.85 3.41
CA VAL A 212 0.38 -9.69 2.73
C VAL A 212 1.76 -9.94 2.13
N THR A 213 2.17 -9.05 1.26
CA THR A 213 3.51 -9.10 0.70
C THR A 213 4.48 -8.48 1.67
N LYS A 214 5.77 -8.64 1.46
CA LYS A 214 6.76 -7.94 2.24
C LYS A 214 6.45 -6.44 2.28
N TRP A 215 5.76 -5.94 1.25
CA TRP A 215 5.47 -4.52 1.10
C TRP A 215 4.22 -4.09 1.88
N GLY A 216 3.52 -5.09 2.47
CA GLY A 216 2.37 -4.89 3.33
C GLY A 216 1.04 -4.96 2.58
N HIS A 217 1.00 -5.42 1.33
CA HIS A 217 -0.23 -5.36 0.56
C HIS A 217 -0.93 -6.71 0.54
N SER A 218 -2.28 -6.72 0.60
CA SER A 218 -3.06 -7.93 0.52
C SER A 218 -2.62 -8.76 -0.67
N ALA A 219 -2.58 -10.08 -0.43
CA ALA A 219 -1.90 -10.96 -1.34
C ALA A 219 -2.49 -12.36 -1.28
N ILE A 220 -2.27 -13.04 -2.42
CA ILE A 220 -2.49 -14.46 -2.57
C ILE A 220 -1.12 -15.10 -2.49
N VAL A 221 -1.02 -16.10 -1.61
CA VAL A 221 0.21 -16.85 -1.39
C VAL A 221 -0.06 -18.25 -1.87
N ASN A 222 0.71 -18.70 -2.88
CA ASN A 222 0.70 -20.06 -3.39
C ASN A 222 1.91 -20.82 -2.87
N THR A 223 1.65 -21.95 -2.20
CA THR A 223 2.68 -22.65 -1.44
C THR A 223 3.06 -23.88 -2.23
N SER A 224 4.23 -24.45 -1.90
CA SER A 224 4.73 -25.62 -2.62
C SER A 224 4.50 -26.88 -1.80
N GLY A 225 4.03 -26.76 -0.55
CA GLY A 225 3.90 -27.92 0.33
C GLY A 225 5.18 -28.09 1.13
N ASN A 226 5.05 -28.48 2.41
CA ASN A 226 6.13 -28.59 3.39
C ASN A 226 6.16 -30.04 3.91
N PRO A 227 7.18 -30.84 3.54
CA PRO A 227 7.23 -32.23 4.00
C PRO A 227 7.74 -32.29 5.44
N ASP A 228 8.31 -31.20 5.95
CA ASP A 228 8.99 -31.22 7.24
C ASP A 228 8.01 -30.89 8.39
N CYS A 229 6.90 -31.61 8.46
CA CYS A 229 5.94 -31.42 9.51
C CYS A 229 5.81 -32.74 10.26
N HIS A 230 5.54 -32.64 11.58
CA HIS A 230 5.52 -33.80 12.46
C HIS A 230 4.57 -33.51 13.59
N ILE A 231 4.15 -34.56 14.30
CA ILE A 231 3.26 -34.42 15.43
C ILE A 231 4.04 -33.97 16.67
N ILE A 232 3.36 -33.23 17.54
CA ILE A 232 3.87 -32.84 18.88
C ILE A 232 2.87 -33.45 19.88
N LEU A 233 3.33 -34.33 20.77
CA LEU A 233 2.46 -34.90 21.82
C LEU A 233 2.47 -33.96 23.02
N ARG A 234 1.32 -33.39 23.36
CA ARG A 234 1.26 -32.32 24.41
C ARG A 234 0.21 -32.62 25.47
N GLY A 235 -0.35 -33.84 25.44
CA GLY A 235 -1.32 -34.23 26.48
C GLY A 235 -2.71 -34.33 25.90
N GLY A 236 -3.69 -33.96 26.69
CA GLY A 236 -5.09 -34.10 26.33
C GLY A 236 -5.89 -34.17 27.62
N LYS A 237 -6.80 -35.13 27.73
CA LYS A 237 -7.56 -35.32 28.98
C LYS A 237 -6.64 -36.05 29.95
N GLU A 238 -5.67 -36.78 29.40
CA GLU A 238 -4.69 -37.53 30.21
C GLU A 238 -3.34 -37.42 29.52
N PRO A 239 -2.20 -37.39 30.25
CA PRO A 239 -0.89 -37.42 29.59
C PRO A 239 -0.74 -38.47 28.50
N ASN A 240 0.01 -38.14 27.43
CA ASN A 240 0.15 -39.06 26.28
C ASN A 240 1.63 -39.27 25.94
N TYR A 241 2.51 -39.25 26.94
CA TYR A 241 3.95 -39.34 26.71
C TYR A 241 4.51 -40.76 26.92
N SER A 242 3.76 -41.67 27.54
CA SER A 242 4.28 -43.01 27.85
C SER A 242 4.48 -43.82 26.58
N ALA A 243 5.25 -44.91 26.72
CA ALA A 243 5.67 -45.76 25.62
C ALA A 243 4.47 -46.32 24.84
N GLU A 244 3.36 -46.58 25.55
CA GLU A 244 2.19 -47.16 24.90
C GLU A 244 1.44 -46.08 24.10
N HIS A 245 1.40 -44.85 24.61
CA HIS A 245 0.82 -43.75 23.84
C HIS A 245 1.67 -43.51 22.58
N VAL A 246 2.99 -43.53 22.75
CA VAL A 246 3.93 -43.32 21.66
C VAL A 246 3.83 -44.44 20.62
N LYS A 247 3.65 -45.68 21.09
CA LYS A 247 3.47 -46.83 20.23
C LYS A 247 2.22 -46.65 19.37
N ALA A 248 1.10 -46.20 19.98
CA ALA A 248 -0.16 -46.06 19.25
C ALA A 248 -0.07 -44.89 18.25
N VAL A 249 0.65 -43.80 18.61
CA VAL A 249 0.87 -42.66 17.71
C VAL A 249 1.70 -43.08 16.50
N ARG A 250 2.82 -43.76 16.78
CA ARG A 250 3.72 -44.27 15.75
C ARG A 250 2.96 -45.12 14.74
N GLU A 251 2.13 -46.04 15.24
CA GLU A 251 1.38 -46.94 14.38
C GLU A 251 0.33 -46.17 13.56
N GLY A 252 -0.26 -45.12 14.16
CA GLY A 252 -1.21 -44.25 13.47
C GLY A 252 -0.55 -43.47 12.35
N LEU A 253 0.71 -43.06 12.55
CA LEU A 253 1.49 -42.39 11.53
C LEU A 253 1.89 -43.38 10.44
N ILE A 254 2.29 -44.59 10.83
CA ILE A 254 2.76 -45.58 9.87
C ILE A 254 1.61 -45.96 8.93
N ASN A 255 0.43 -46.24 9.50
CA ASN A 255 -0.71 -46.65 8.70
C ASN A 255 -1.09 -45.56 7.71
N ALA A 256 -0.92 -44.30 8.11
CA ALA A 256 -1.29 -43.18 7.26
C ALA A 256 -0.24 -42.93 6.18
N GLY A 257 0.88 -43.67 6.25
CA GLY A 257 1.95 -43.62 5.26
C GLY A 257 2.98 -42.55 5.57
N LEU A 258 3.04 -42.10 6.83
CA LEU A 258 3.88 -40.98 7.23
C LEU A 258 5.07 -41.48 8.03
N ILE A 259 6.17 -40.74 7.96
CA ILE A 259 7.36 -40.98 8.76
C ILE A 259 6.96 -40.99 10.23
N PRO A 260 7.23 -42.06 11.01
CA PRO A 260 6.96 -42.02 12.44
C PRO A 260 7.99 -41.16 13.18
N SER A 261 7.85 -39.83 13.04
CA SER A 261 8.71 -38.85 13.71
C SER A 261 7.91 -37.99 14.69
N ILE A 262 8.25 -38.08 15.98
CA ILE A 262 7.38 -37.71 17.08
C ILE A 262 8.12 -36.78 18.04
N MET A 263 7.48 -35.67 18.40
CA MET A 263 8.04 -34.73 19.37
C MET A 263 7.13 -34.78 20.59
N ILE A 264 7.73 -34.83 21.80
CA ILE A 264 6.98 -34.91 23.03
C ILE A 264 7.18 -33.62 23.84
N ASP A 265 6.09 -32.88 24.06
CA ASP A 265 6.07 -31.71 24.91
C ASP A 265 6.04 -32.16 26.37
N PHE A 266 7.03 -31.71 27.15
CA PHE A 266 7.12 -32.11 28.55
C PHE A 266 6.15 -31.30 29.39
N SER A 267 5.65 -30.21 28.84
CA SER A 267 4.88 -29.24 29.60
C SER A 267 3.40 -29.33 29.26
N HIS A 268 2.69 -28.20 29.48
CA HIS A 268 1.28 -28.02 29.15
C HIS A 268 0.46 -29.11 29.87
N ALA A 269 -0.28 -29.94 29.11
CA ALA A 269 -1.22 -30.89 29.69
C ALA A 269 -0.59 -32.27 29.88
N ASN A 270 0.75 -32.38 29.69
CA ASN A 270 1.53 -33.52 30.15
C ASN A 270 1.95 -33.31 31.62
N SER A 271 1.74 -32.06 32.12
CA SER A 271 1.69 -31.76 33.54
C SER A 271 1.09 -30.35 33.78
N LYS A 277 7.06 -32.47 37.70
CA LYS A 277 6.31 -33.26 36.69
C LYS A 277 7.04 -33.26 35.35
N GLN A 278 7.59 -32.11 34.95
CA GLN A 278 8.42 -32.03 33.76
C GLN A 278 9.64 -32.95 33.85
N MET A 279 10.19 -33.06 35.07
CA MET A 279 11.34 -33.93 35.31
C MET A 279 10.92 -35.40 35.24
N GLU A 280 9.70 -35.72 35.66
CA GLU A 280 9.23 -37.11 35.61
C GLU A 280 8.99 -37.50 34.15
N VAL A 281 8.56 -36.53 33.32
CA VAL A 281 8.30 -36.82 31.92
C VAL A 281 9.63 -37.09 31.23
N ALA A 282 10.63 -36.25 31.56
CA ALA A 282 11.97 -36.39 30.99
C ALA A 282 12.58 -37.74 31.34
N THR A 283 12.39 -38.20 32.57
CA THR A 283 12.88 -39.51 32.98
C THR A 283 12.23 -40.59 32.12
N ASP A 284 10.90 -40.54 32.02
CA ASP A 284 10.14 -41.56 31.30
C ASP A 284 10.55 -41.59 29.82
N VAL A 285 10.76 -40.42 29.22
CA VAL A 285 11.10 -40.32 27.81
C VAL A 285 12.55 -40.76 27.62
N SER A 286 13.43 -40.36 28.56
CA SER A 286 14.84 -40.72 28.46
C SER A 286 14.98 -42.23 28.39
N THR A 287 14.17 -42.92 29.20
CA THR A 287 14.03 -44.37 29.18
C THR A 287 13.79 -44.90 27.77
N GLN A 288 12.73 -44.40 27.14
CA GLN A 288 12.31 -44.92 25.86
C GLN A 288 13.41 -44.70 24.83
N LEU A 289 14.06 -43.53 24.89
CA LEU A 289 15.19 -43.24 24.02
C LEU A 289 16.32 -44.25 24.29
N SER A 290 16.64 -44.50 25.57
CA SER A 290 17.64 -45.50 25.95
C SER A 290 17.30 -46.91 25.47
N GLN A 291 16.02 -47.32 25.56
CA GLN A 291 15.60 -48.64 25.14
C GLN A 291 15.68 -48.78 23.62
N GLY A 292 15.80 -47.65 22.90
CA GLY A 292 16.15 -47.67 21.49
C GLY A 292 15.05 -47.16 20.56
N ASP A 293 14.19 -46.25 21.05
CA ASP A 293 13.08 -45.75 20.25
C ASP A 293 13.52 -44.61 19.34
N ARG A 294 13.70 -44.96 18.05
CA ARG A 294 14.22 -44.03 17.05
C ARG A 294 13.13 -43.11 16.52
N SER A 295 11.88 -43.38 16.94
CA SER A 295 10.71 -42.65 16.47
C SER A 295 10.50 -41.35 17.23
N ILE A 296 11.06 -41.24 18.45
CA ILE A 296 11.01 -40.01 19.24
C ILE A 296 12.15 -39.09 18.82
N THR A 297 11.87 -38.02 18.05
CA THR A 297 12.90 -37.23 17.38
C THR A 297 13.06 -35.83 17.96
N GLY A 298 12.19 -35.42 18.90
CA GLY A 298 12.23 -34.08 19.46
C GLY A 298 11.51 -34.02 20.80
N VAL A 299 11.76 -32.96 21.59
CA VAL A 299 11.07 -32.73 22.83
C VAL A 299 10.93 -31.22 22.99
N MET A 300 9.93 -30.80 23.79
CA MET A 300 9.76 -29.43 24.22
C MET A 300 9.84 -29.32 25.74
N ILE A 301 10.54 -28.28 26.22
CA ILE A 301 10.73 -28.04 27.63
C ILE A 301 10.49 -26.56 27.88
N GLU A 302 9.77 -26.26 28.97
CA GLU A 302 9.52 -24.87 29.37
C GLU A 302 10.39 -24.54 30.57
N SER A 303 11.16 -23.45 30.47
CA SER A 303 12.33 -23.26 31.31
C SER A 303 12.60 -21.78 31.50
N HIS A 304 12.75 -21.33 32.76
CA HIS A 304 13.25 -19.97 33.02
C HIS A 304 14.48 -20.04 33.93
N LEU A 305 15.14 -18.89 34.14
CA LEU A 305 16.31 -18.75 35.00
C LEU A 305 15.91 -18.80 36.49
N CYS A 328 7.11 -24.31 34.52
CA CYS A 328 8.44 -23.70 34.23
C CYS A 328 9.48 -24.14 35.27
N ILE A 329 10.61 -24.70 34.81
CA ILE A 329 11.65 -25.21 35.70
C ILE A 329 12.84 -24.26 35.70
N GLY A 330 13.65 -24.40 36.76
CA GLY A 330 14.76 -23.49 37.01
C GLY A 330 15.97 -23.83 36.14
N TRP A 331 16.96 -22.92 36.10
CA TRP A 331 18.13 -23.14 35.27
C TRP A 331 18.88 -24.42 35.65
N ASP A 332 18.98 -24.70 36.96
CA ASP A 332 19.78 -25.86 37.38
C ASP A 332 19.11 -27.12 36.87
N ASP A 333 17.78 -27.16 36.93
CA ASP A 333 17.00 -28.31 36.46
C ASP A 333 16.97 -28.38 34.93
N THR A 334 17.21 -27.26 34.26
CA THR A 334 17.18 -27.23 32.79
C THR A 334 18.40 -27.95 32.27
N GLU A 335 19.53 -27.79 32.93
CA GLU A 335 20.78 -28.44 32.50
C GLU A 335 20.67 -29.95 32.76
N LYS A 336 20.12 -30.32 33.91
CA LYS A 336 19.99 -31.74 34.29
C LYS A 336 19.24 -32.53 33.21
N VAL A 337 18.10 -32.04 32.73
CA VAL A 337 17.26 -32.78 31.74
C VAL A 337 18.00 -32.83 30.40
N LEU A 338 18.63 -31.73 30.00
CA LEU A 338 19.35 -31.65 28.72
C LEU A 338 20.49 -32.68 28.70
N ARG A 339 21.21 -32.79 29.80
CA ARG A 339 22.32 -33.75 29.92
C ARG A 339 21.78 -35.17 30.01
N GLN A 340 20.59 -35.34 30.58
CA GLN A 340 19.95 -36.66 30.72
C GLN A 340 19.46 -37.12 29.34
N LEU A 341 18.87 -36.19 28.59
CA LEU A 341 18.42 -36.51 27.24
C LEU A 341 19.62 -36.78 26.34
N SER A 342 20.68 -35.97 26.50
CA SER A 342 21.96 -36.21 25.85
C SER A 342 22.42 -37.65 26.09
N GLU A 343 22.47 -38.04 27.37
CA GLU A 343 22.84 -39.38 27.76
C GLU A 343 21.91 -40.41 27.11
N ALA A 344 20.63 -40.13 27.06
CA ALA A 344 19.65 -41.04 26.47
C ALA A 344 19.90 -41.21 24.97
N VAL A 345 20.35 -40.16 24.28
CA VAL A 345 20.62 -40.21 22.85
C VAL A 345 21.82 -41.10 22.57
N ILE A 346 22.88 -40.87 23.38
CA ILE A 346 24.11 -41.61 23.31
C ILE A 346 23.80 -43.09 23.52
N ALA A 347 23.01 -43.41 24.55
CA ALA A 347 22.66 -44.80 24.81
C ALA A 347 21.83 -45.36 23.65
N ARG A 348 21.00 -44.51 23.01
CA ARG A 348 20.20 -44.95 21.88
C ARG A 348 21.10 -45.36 20.72
N ARG A 349 22.23 -44.65 20.54
CA ARG A 349 23.18 -44.96 19.48
C ARG A 349 23.62 -46.42 19.53
N ASN A 350 23.78 -46.96 20.76
CA ASN A 350 24.43 -48.26 20.91
C ASN A 350 23.44 -49.40 20.74
N LYS A 351 22.44 -49.48 21.61
CA LYS A 351 21.49 -50.59 21.60
C LYS A 351 20.08 -50.05 21.91
N TYR B 3 22.68 -16.98 1.71
CA TYR B 3 21.68 -18.01 2.09
C TYR B 3 20.27 -17.50 1.78
N GLN B 4 19.47 -18.33 1.11
CA GLN B 4 18.10 -17.96 0.81
C GLN B 4 17.16 -18.56 1.86
N ASN B 5 16.88 -17.80 2.94
CA ASN B 5 16.03 -18.29 4.03
C ASN B 5 14.57 -17.88 3.84
N ASP B 6 14.32 -16.94 2.93
CA ASP B 6 13.02 -16.34 2.80
C ASP B 6 12.20 -17.04 1.73
N ASP B 7 10.96 -17.42 2.08
CA ASP B 7 9.98 -17.80 1.06
C ASP B 7 10.46 -19.04 0.30
N VAL B 8 11.13 -19.99 0.97
CA VAL B 8 11.65 -21.12 0.21
C VAL B 8 10.47 -21.98 -0.23
N ARG B 9 9.32 -21.92 0.45
CA ARG B 9 8.18 -22.73 0.04
C ARG B 9 7.02 -21.86 -0.43
N VAL B 10 7.33 -20.67 -0.93
CA VAL B 10 6.30 -19.92 -1.63
C VAL B 10 6.59 -20.06 -3.12
N LYS B 11 5.70 -20.71 -3.86
CA LYS B 11 5.85 -20.82 -5.30
C LYS B 11 5.60 -19.46 -5.94
N GLN B 12 4.56 -18.75 -5.49
CA GLN B 12 4.25 -17.43 -5.99
C GLN B 12 3.43 -16.67 -4.96
N ILE B 13 3.63 -15.34 -4.93
CA ILE B 13 2.90 -14.41 -4.10
C ILE B 13 2.58 -13.21 -4.97
N LYS B 14 1.30 -12.85 -5.05
CA LYS B 14 0.84 -11.79 -5.95
C LYS B 14 -0.11 -10.89 -5.19
N GLU B 15 -0.02 -9.59 -5.46
CA GLU B 15 -0.94 -8.61 -4.93
C GLU B 15 -2.36 -9.01 -5.31
N LEU B 16 -3.24 -8.96 -4.32
CA LEU B 16 -4.67 -9.05 -4.47
C LEU B 16 -5.18 -7.63 -4.66
N LEU B 17 -6.30 -7.49 -5.36
CA LEU B 17 -6.93 -6.16 -5.43
C LEU B 17 -7.21 -5.72 -3.98
N PRO B 18 -6.96 -4.45 -3.61
CA PRO B 18 -7.22 -3.97 -2.26
C PRO B 18 -8.72 -4.02 -2.09
N PRO B 19 -9.30 -4.17 -0.87
CA PRO B 19 -10.76 -4.17 -0.74
C PRO B 19 -11.38 -2.97 -1.44
N ILE B 20 -10.73 -1.81 -1.33
CA ILE B 20 -11.35 -0.58 -1.83
C ILE B 20 -11.64 -0.72 -3.33
N ALA B 21 -10.84 -1.50 -4.05
CA ALA B 21 -11.09 -1.72 -5.47
C ALA B 21 -12.40 -2.48 -5.71
N LEU B 22 -12.79 -3.37 -4.82
CA LEU B 22 -14.03 -4.10 -5.02
C LEU B 22 -15.24 -3.32 -4.55
N LEU B 23 -15.04 -2.46 -3.55
CA LEU B 23 -16.10 -1.59 -3.06
C LEU B 23 -16.38 -0.48 -4.07
N GLU B 24 -15.34 0.00 -4.75
CA GLU B 24 -15.53 1.04 -5.74
C GLU B 24 -16.22 0.44 -7.00
N LYS B 25 -15.86 -0.78 -7.36
CA LYS B 25 -16.46 -1.39 -8.54
C LYS B 25 -17.90 -1.82 -8.25
N PHE B 26 -18.17 -2.29 -7.03
CA PHE B 26 -19.46 -2.89 -6.68
C PHE B 26 -19.95 -2.32 -5.36
N PRO B 27 -20.27 -1.00 -5.31
CA PRO B 27 -20.80 -0.35 -4.11
C PRO B 27 -22.19 -0.87 -3.80
N ALA B 28 -22.47 -0.90 -2.50
CA ALA B 28 -23.78 -1.27 -1.97
C ALA B 28 -24.82 -0.27 -2.43
N THR B 29 -25.90 -0.72 -3.05
CA THR B 29 -26.99 0.19 -3.35
C THR B 29 -27.65 0.56 -2.03
N ASP B 30 -28.56 1.55 -2.06
CA ASP B 30 -29.33 1.90 -0.89
C ASP B 30 -30.17 0.70 -0.43
N LYS B 31 -30.63 -0.07 -1.41
CA LYS B 31 -31.48 -1.22 -1.15
C LYS B 31 -30.70 -2.40 -0.55
N ALA B 32 -29.49 -2.60 -1.05
CA ALA B 32 -28.60 -3.59 -0.47
C ALA B 32 -28.29 -3.26 0.99
N ALA B 33 -27.88 -2.00 1.19
CA ALA B 33 -27.48 -1.52 2.50
C ALA B 33 -28.60 -1.72 3.52
N PHE B 34 -29.85 -1.44 3.08
CA PHE B 34 -31.02 -1.54 3.93
C PHE B 34 -31.35 -3.02 4.22
N THR B 35 -31.37 -3.88 3.19
CA THR B 35 -31.63 -5.29 3.37
C THR B 35 -30.68 -5.86 4.44
N VAL B 36 -29.42 -5.48 4.34
CA VAL B 36 -28.39 -5.95 5.23
C VAL B 36 -28.68 -5.43 6.64
N HIS B 37 -28.98 -4.14 6.76
CA HIS B 37 -29.17 -3.53 8.06
C HIS B 37 -30.35 -4.17 8.78
N GLU B 38 -31.44 -4.37 8.01
CA GLU B 38 -32.66 -4.88 8.57
C GLU B 38 -32.52 -6.36 8.94
N ALA B 39 -31.83 -7.14 8.07
CA ALA B 39 -31.70 -8.57 8.30
C ALA B 39 -30.82 -8.82 9.53
N ARG B 40 -29.75 -8.03 9.69
CA ARG B 40 -28.90 -8.19 10.87
C ARG B 40 -29.64 -7.84 12.17
N HIS B 41 -30.47 -6.78 12.15
CA HIS B 41 -31.24 -6.43 13.34
C HIS B 41 -32.25 -7.56 13.65
N ALA B 42 -33.01 -7.98 12.64
CA ALA B 42 -33.99 -9.04 12.78
C ALA B 42 -33.38 -10.31 13.38
N ILE B 43 -32.21 -10.70 12.87
CA ILE B 43 -31.54 -11.90 13.32
C ILE B 43 -31.10 -11.71 14.77
N HIS B 44 -30.56 -10.51 15.09
CA HIS B 44 -30.30 -10.19 16.49
C HIS B 44 -31.56 -10.42 17.33
N ASN B 45 -32.71 -9.92 16.89
CA ASN B 45 -33.92 -9.94 17.71
C ASN B 45 -34.35 -11.39 17.91
N ILE B 46 -34.16 -12.22 16.88
CA ILE B 46 -34.59 -13.59 17.00
C ILE B 46 -33.66 -14.34 17.96
N LEU B 47 -32.37 -14.01 17.94
CA LEU B 47 -31.38 -14.76 18.70
C LEU B 47 -31.59 -14.53 20.19
N VAL B 48 -31.98 -13.32 20.56
CA VAL B 48 -32.21 -12.98 21.97
C VAL B 48 -33.63 -13.30 22.45
N GLY B 49 -34.57 -13.70 21.59
CA GLY B 49 -35.92 -14.07 22.01
C GLY B 49 -36.95 -12.94 21.92
N LYS B 50 -36.57 -11.76 21.42
CA LYS B 50 -37.51 -10.64 21.29
C LYS B 50 -38.46 -10.88 20.12
N ASP B 51 -38.05 -11.73 19.18
CA ASP B 51 -38.82 -12.06 17.98
C ASP B 51 -39.02 -13.57 17.96
N ASP B 52 -40.24 -14.03 17.74
CA ASP B 52 -40.58 -15.44 17.91
C ASP B 52 -40.47 -16.18 16.57
N ARG B 53 -39.97 -15.49 15.54
CA ARG B 53 -39.71 -16.14 14.28
C ARG B 53 -38.42 -16.95 14.34
N LEU B 54 -38.26 -17.84 13.36
CA LEU B 54 -37.06 -18.64 13.17
C LEU B 54 -36.19 -18.01 12.08
N VAL B 55 -34.88 -17.93 12.35
CA VAL B 55 -33.87 -17.67 11.33
C VAL B 55 -33.70 -18.93 10.49
N VAL B 56 -33.60 -18.76 9.17
CA VAL B 56 -33.42 -19.89 8.25
C VAL B 56 -32.31 -19.55 7.25
N VAL B 57 -31.14 -20.17 7.46
CA VAL B 57 -30.05 -20.03 6.52
C VAL B 57 -30.09 -21.19 5.55
N ILE B 58 -30.42 -20.93 4.30
CA ILE B 58 -30.74 -21.98 3.37
C ILE B 58 -30.09 -21.63 2.03
N GLY B 59 -29.38 -22.60 1.42
CA GLY B 59 -28.83 -22.36 0.11
C GLY B 59 -28.13 -23.57 -0.49
N PRO B 60 -27.53 -23.39 -1.68
CA PRO B 60 -26.72 -24.44 -2.30
C PRO B 60 -25.57 -24.90 -1.43
N CYS B 61 -25.10 -26.13 -1.70
CA CYS B 61 -23.88 -26.65 -1.10
C CYS B 61 -22.73 -25.68 -1.40
N SER B 62 -22.61 -25.32 -2.69
CA SER B 62 -21.79 -24.20 -3.11
C SER B 62 -22.26 -23.68 -4.47
N ILE B 63 -21.95 -22.40 -4.70
CA ILE B 63 -22.23 -21.71 -5.96
C ILE B 63 -21.13 -22.04 -6.95
N HIS B 64 -21.51 -22.72 -8.02
CA HIS B 64 -20.62 -23.02 -9.13
C HIS B 64 -20.99 -22.12 -10.31
N ASP B 65 -22.24 -21.67 -10.40
CA ASP B 65 -22.75 -21.02 -11.59
C ASP B 65 -23.69 -19.92 -11.16
N THR B 66 -23.33 -18.66 -11.49
CA THR B 66 -24.03 -17.55 -10.85
C THR B 66 -25.42 -17.33 -11.46
N LYS B 67 -25.66 -17.79 -12.68
CA LYS B 67 -27.04 -17.64 -13.19
C LYS B 67 -27.97 -18.61 -12.43
N ALA B 68 -27.49 -19.82 -12.13
CA ALA B 68 -28.31 -20.75 -11.37
C ALA B 68 -28.58 -20.21 -9.95
N ALA B 69 -27.61 -19.51 -9.38
CA ALA B 69 -27.77 -18.90 -8.06
C ALA B 69 -28.78 -17.77 -8.13
N LEU B 70 -28.66 -16.89 -9.14
CA LEU B 70 -29.60 -15.79 -9.29
C LEU B 70 -31.03 -16.34 -9.48
N GLU B 71 -31.15 -17.47 -10.16
CA GLU B 71 -32.46 -18.05 -10.36
C GLU B 71 -33.01 -18.59 -9.05
N TYR B 72 -32.14 -19.24 -8.27
CA TYR B 72 -32.52 -19.74 -6.95
C TYR B 72 -32.96 -18.58 -6.06
N ALA B 73 -32.26 -17.44 -6.18
CA ALA B 73 -32.50 -16.27 -5.35
C ALA B 73 -33.86 -15.65 -5.62
N GLU B 74 -34.25 -15.61 -6.90
CA GLU B 74 -35.55 -15.09 -7.28
C GLU B 74 -36.64 -15.90 -6.59
N ARG B 75 -36.57 -17.23 -6.68
CA ARG B 75 -37.56 -18.10 -6.06
C ARG B 75 -37.57 -17.94 -4.53
N LEU B 76 -36.39 -18.06 -3.91
CA LEU B 76 -36.31 -18.02 -2.45
C LEU B 76 -36.86 -16.72 -1.90
N LYS B 77 -36.60 -15.62 -2.65
CA LYS B 77 -37.06 -14.29 -2.31
C LYS B 77 -38.57 -14.25 -2.17
N GLU B 78 -39.30 -14.90 -3.08
CA GLU B 78 -40.77 -14.90 -3.00
C GLU B 78 -41.21 -15.63 -1.75
N ILE B 79 -40.51 -16.68 -1.36
CA ILE B 79 -40.91 -17.40 -0.15
C ILE B 79 -40.46 -16.61 1.08
N ARG B 80 -39.37 -15.86 0.98
CA ARG B 80 -38.98 -14.99 2.08
C ARG B 80 -40.09 -13.98 2.36
N GLU B 81 -40.68 -13.44 1.29
CA GLU B 81 -41.70 -12.41 1.40
C GLU B 81 -42.98 -13.01 1.98
N GLU B 82 -43.40 -14.15 1.46
CA GLU B 82 -44.64 -14.76 1.91
C GLU B 82 -44.54 -15.24 3.36
N LEU B 83 -43.43 -15.82 3.77
CA LEU B 83 -43.40 -16.44 5.08
C LEU B 83 -42.80 -15.50 6.11
N LYS B 84 -42.69 -14.21 5.78
CA LYS B 84 -41.89 -13.31 6.61
C LYS B 84 -42.48 -13.16 8.01
N ASP B 85 -43.73 -13.57 8.23
CA ASP B 85 -44.35 -13.42 9.54
C ASP B 85 -43.93 -14.57 10.44
N SER B 86 -43.37 -15.65 9.88
CA SER B 86 -42.94 -16.79 10.68
C SER B 86 -41.42 -17.09 10.58
N LEU B 87 -40.80 -16.75 9.43
CA LEU B 87 -39.41 -17.07 9.15
C LEU B 87 -38.67 -15.78 8.74
N GLU B 88 -37.38 -15.71 9.12
CA GLU B 88 -36.45 -14.76 8.54
C GLU B 88 -35.47 -15.55 7.67
N ILE B 89 -35.68 -15.54 6.37
CA ILE B 89 -34.96 -16.38 5.43
C ILE B 89 -33.77 -15.60 4.85
N VAL B 90 -32.62 -16.26 4.84
CA VAL B 90 -31.35 -15.69 4.40
C VAL B 90 -30.69 -16.71 3.50
N MET B 91 -30.16 -16.30 2.35
CA MET B 91 -29.62 -17.26 1.40
C MET B 91 -28.16 -17.51 1.73
N ARG B 92 -27.82 -18.80 1.81
CA ARG B 92 -26.40 -19.20 1.99
C ARG B 92 -25.69 -19.06 0.64
N VAL B 93 -24.63 -18.26 0.62
CA VAL B 93 -23.85 -18.03 -0.57
C VAL B 93 -22.40 -18.39 -0.25
N TYR B 94 -21.98 -19.60 -0.64
CA TYR B 94 -20.66 -20.12 -0.33
C TYR B 94 -19.95 -20.55 -1.61
N PHE B 95 -18.65 -20.22 -1.76
CA PHE B 95 -17.82 -20.62 -2.88
C PHE B 95 -16.71 -21.60 -2.45
N ASP B 118 -7.99 -17.36 -10.87
CA ASP B 118 -7.74 -15.92 -10.61
C ASP B 118 -8.61 -15.47 -9.43
N ILE B 119 -7.97 -15.25 -8.29
CA ILE B 119 -8.66 -14.92 -7.07
C ILE B 119 -9.27 -13.52 -7.21
N ASN B 120 -8.63 -12.62 -7.97
CA ASN B 120 -9.22 -11.31 -8.23
C ASN B 120 -10.57 -11.41 -8.94
N GLU B 121 -10.64 -12.29 -9.96
CA GLU B 121 -11.88 -12.54 -10.66
C GLU B 121 -12.86 -13.18 -9.68
N GLY B 122 -12.39 -14.12 -8.88
CA GLY B 122 -13.29 -14.77 -7.92
C GLY B 122 -13.93 -13.75 -7.01
N LEU B 123 -13.13 -12.79 -6.55
CA LEU B 123 -13.64 -11.78 -5.64
C LEU B 123 -14.65 -10.89 -6.37
N ARG B 124 -14.42 -10.57 -7.65
CA ARG B 124 -15.37 -9.75 -8.39
C ARG B 124 -16.70 -10.47 -8.56
N ILE B 125 -16.64 -11.74 -8.96
CA ILE B 125 -17.82 -12.57 -9.14
C ILE B 125 -18.60 -12.64 -7.83
N ALA B 126 -17.89 -12.84 -6.70
CA ALA B 126 -18.53 -13.04 -5.41
C ALA B 126 -19.24 -11.79 -4.93
N ARG B 127 -18.52 -10.67 -4.94
CA ARG B 127 -19.11 -9.42 -4.50
C ARG B 127 -20.30 -9.06 -5.40
N GLU B 128 -20.16 -9.24 -6.70
CA GLU B 128 -21.22 -8.88 -7.64
C GLU B 128 -22.45 -9.75 -7.43
N LEU B 129 -22.26 -11.05 -7.17
CA LEU B 129 -23.40 -11.90 -6.87
C LEU B 129 -24.08 -11.41 -5.61
N LEU B 130 -23.29 -11.17 -4.55
CA LEU B 130 -23.85 -10.78 -3.24
C LEU B 130 -24.63 -9.46 -3.38
N LEU B 131 -24.04 -8.47 -4.06
CA LEU B 131 -24.66 -7.18 -4.26
C LEU B 131 -26.00 -7.33 -4.99
N THR B 132 -26.05 -8.15 -6.06
CA THR B 132 -27.27 -8.32 -6.83
C THR B 132 -28.33 -8.93 -5.92
N ILE B 133 -27.96 -9.97 -5.17
CA ILE B 133 -28.96 -10.66 -4.36
C ILE B 133 -29.49 -9.73 -3.26
N ASN B 134 -28.59 -8.98 -2.60
CA ASN B 134 -29.04 -8.06 -1.56
C ASN B 134 -29.85 -6.91 -2.18
N ASP B 135 -29.53 -6.49 -3.41
CA ASP B 135 -30.22 -5.38 -4.02
C ASP B 135 -31.64 -5.79 -4.41
N GLN B 136 -31.90 -7.10 -4.51
CA GLN B 136 -33.25 -7.61 -4.72
C GLN B 136 -34.00 -7.84 -3.40
N GLY B 137 -33.39 -7.48 -2.26
CA GLY B 137 -34.04 -7.56 -0.95
C GLY B 137 -33.96 -8.96 -0.33
N LEU B 138 -32.94 -9.74 -0.71
CA LEU B 138 -32.67 -11.05 -0.14
C LEU B 138 -31.34 -11.02 0.59
N PRO B 139 -31.32 -11.07 1.96
CA PRO B 139 -30.07 -11.02 2.71
C PRO B 139 -29.29 -12.31 2.51
N THR B 140 -27.96 -12.21 2.68
CA THR B 140 -27.03 -13.31 2.38
C THR B 140 -26.18 -13.69 3.60
N ALA B 141 -25.77 -14.95 3.60
CA ALA B 141 -25.02 -15.55 4.70
C ALA B 141 -23.79 -16.27 4.14
N GLY B 142 -22.68 -16.23 4.86
CA GLY B 142 -21.44 -16.81 4.38
C GLY B 142 -20.74 -17.59 5.47
N GLU B 143 -19.48 -17.90 5.19
CA GLU B 143 -18.62 -18.69 6.05
C GLU B 143 -17.31 -17.90 6.12
N PHE B 144 -16.83 -17.59 7.32
CA PHE B 144 -15.56 -16.89 7.43
C PHE B 144 -14.47 -17.92 7.71
N LEU B 145 -13.60 -18.16 6.71
CA LEU B 145 -12.48 -19.07 6.84
C LEU B 145 -11.21 -18.34 7.24
N ASP B 146 -11.12 -17.05 6.90
CA ASP B 146 -9.91 -16.29 7.16
C ASP B 146 -10.24 -14.85 7.61
N VAL B 147 -9.22 -14.06 7.95
CA VAL B 147 -9.36 -12.72 8.49
C VAL B 147 -9.19 -11.63 7.43
N ILE B 148 -8.94 -11.99 6.17
CA ILE B 148 -8.71 -10.98 5.15
C ILE B 148 -9.92 -10.87 4.20
N SER B 149 -10.55 -11.98 3.86
CA SER B 149 -11.62 -11.95 2.86
C SER B 149 -12.89 -11.32 3.42
N PRO B 150 -13.15 -11.21 4.72
CA PRO B 150 -14.25 -10.37 5.16
C PRO B 150 -14.17 -8.91 4.71
N GLN B 151 -12.96 -8.38 4.49
CA GLN B 151 -12.87 -6.97 4.14
C GLN B 151 -13.48 -6.71 2.77
N TYR B 152 -13.68 -7.77 1.99
CA TYR B 152 -14.16 -7.68 0.62
C TYR B 152 -15.68 -7.81 0.56
N VAL B 153 -16.32 -8.47 1.52
CA VAL B 153 -17.72 -8.83 1.34
C VAL B 153 -18.58 -8.63 2.58
N ALA B 154 -18.00 -8.41 3.76
CA ALA B 154 -18.75 -8.47 5.02
C ALA B 154 -19.88 -7.43 5.05
N ASP B 155 -19.67 -6.30 4.35
CA ASP B 155 -20.65 -5.25 4.32
C ASP B 155 -21.93 -5.72 3.59
N LEU B 156 -21.88 -6.83 2.85
CA LEU B 156 -23.07 -7.42 2.25
C LEU B 156 -23.53 -8.70 2.96
N MET B 157 -23.06 -8.93 4.20
CA MET B 157 -23.30 -10.20 4.86
C MET B 157 -24.19 -9.98 6.08
N SER B 158 -25.30 -10.71 6.14
CA SER B 158 -26.23 -10.53 7.23
C SER B 158 -25.96 -11.56 8.32
N TRP B 159 -25.08 -12.54 8.02
CA TRP B 159 -24.81 -13.61 8.95
C TRP B 159 -23.69 -14.51 8.41
N GLY B 160 -22.94 -15.14 9.35
CA GLY B 160 -21.82 -15.98 8.99
C GLY B 160 -21.58 -17.11 9.98
N ALA B 161 -20.91 -18.16 9.51
CA ALA B 161 -20.51 -19.30 10.31
C ALA B 161 -19.00 -19.30 10.42
N ILE B 162 -18.53 -19.70 11.60
CA ILE B 162 -17.21 -20.26 11.84
C ILE B 162 -17.38 -21.78 11.83
N GLY B 163 -16.58 -22.48 11.02
CA GLY B 163 -16.74 -23.92 10.82
C GLY B 163 -16.18 -24.74 11.99
N ALA B 164 -16.59 -26.02 12.05
CA ALA B 164 -16.31 -26.91 13.15
C ALA B 164 -14.82 -26.98 13.46
N ARG B 165 -14.00 -26.77 12.42
CA ARG B 165 -12.55 -26.97 12.50
C ARG B 165 -11.86 -25.69 12.96
N THR B 166 -12.59 -24.56 13.04
CA THR B 166 -11.98 -23.30 13.44
C THR B 166 -12.69 -22.74 14.67
N THR B 167 -13.72 -23.42 15.16
CA THR B 167 -14.46 -22.86 16.28
C THR B 167 -13.54 -22.70 17.49
N GLU B 168 -12.51 -23.54 17.61
CA GLU B 168 -11.61 -23.46 18.76
C GLU B 168 -10.48 -22.45 18.54
N SER B 169 -10.37 -21.95 17.33
CA SER B 169 -9.20 -21.17 16.92
C SER B 169 -9.31 -19.75 17.42
N GLN B 170 -8.29 -19.32 18.13
CA GLN B 170 -8.17 -17.97 18.65
C GLN B 170 -8.40 -16.94 17.56
N ILE B 171 -7.75 -17.03 16.41
CA ILE B 171 -7.89 -16.00 15.42
C ILE B 171 -9.35 -15.87 14.96
N HIS B 172 -10.10 -16.98 15.01
CA HIS B 172 -11.44 -16.99 14.44
C HIS B 172 -12.42 -16.40 15.44
N ARG B 173 -12.17 -16.66 16.74
CA ARG B 173 -12.93 -16.05 17.82
C ARG B 173 -12.69 -14.55 17.84
N GLU B 174 -11.44 -14.15 17.64
CA GLU B 174 -11.11 -12.75 17.56
C GLU B 174 -11.82 -12.13 16.35
N LEU B 175 -11.89 -12.82 15.22
CA LEU B 175 -12.53 -12.26 14.03
C LEU B 175 -14.03 -12.05 14.30
N ALA B 176 -14.66 -13.07 14.86
CA ALA B 176 -16.07 -13.01 15.23
C ALA B 176 -16.29 -11.78 16.11
N SER B 177 -15.34 -11.54 17.02
CA SER B 177 -15.49 -10.47 17.97
C SER B 177 -15.60 -9.11 17.27
N GLY B 178 -15.08 -8.98 16.04
CA GLY B 178 -15.09 -7.70 15.35
C GLY B 178 -15.98 -7.67 14.08
N LEU B 179 -16.84 -8.66 13.89
CA LEU B 179 -17.64 -8.69 12.65
C LEU B 179 -18.93 -7.92 12.89
N SER B 180 -19.42 -7.25 11.83
CA SER B 180 -20.66 -6.47 11.89
C SER B 180 -21.92 -7.34 11.97
N CYS B 181 -21.86 -8.64 11.78
CA CYS B 181 -23.09 -9.42 11.70
C CYS B 181 -23.10 -10.42 12.84
N PRO B 182 -24.26 -11.05 13.14
CA PRO B 182 -24.28 -12.22 14.02
C PRO B 182 -23.43 -13.35 13.47
N VAL B 183 -22.92 -14.22 14.36
CA VAL B 183 -22.11 -15.35 13.95
C VAL B 183 -22.46 -16.63 14.69
N GLY B 184 -22.43 -17.75 13.93
CA GLY B 184 -22.64 -19.08 14.47
C GLY B 184 -21.33 -19.84 14.58
N PHE B 185 -21.08 -20.40 15.76
CA PHE B 185 -19.98 -21.33 15.95
C PHE B 185 -20.55 -22.75 15.85
N LYS B 186 -20.10 -23.50 14.85
CA LYS B 186 -20.37 -24.92 14.79
C LYS B 186 -19.63 -25.64 15.92
N ASN B 187 -20.27 -26.71 16.42
CA ASN B 187 -19.61 -27.58 17.40
C ASN B 187 -18.47 -28.30 16.68
N GLY B 188 -17.60 -28.96 17.46
CA GLY B 188 -16.44 -29.63 16.90
C GLY B 188 -16.82 -30.85 16.06
N THR B 189 -15.87 -31.36 15.26
CA THR B 189 -16.14 -32.41 14.29
C THR B 189 -16.52 -33.72 15.00
N ASP B 190 -16.30 -33.82 16.32
CA ASP B 190 -16.65 -35.04 17.06
C ASP B 190 -17.89 -34.85 17.94
N GLY B 191 -18.55 -33.68 17.87
CA GLY B 191 -19.76 -33.42 18.62
C GLY B 191 -19.55 -32.51 19.85
N THR B 192 -18.29 -32.23 20.19
CA THR B 192 -17.90 -31.41 21.34
C THR B 192 -18.65 -30.08 21.31
N ILE B 193 -19.39 -29.82 22.40
CA ILE B 193 -20.18 -28.61 22.59
C ILE B 193 -19.33 -27.48 23.18
N LYS B 194 -18.36 -27.81 24.05
CA LYS B 194 -17.73 -26.80 24.90
C LYS B 194 -16.96 -25.78 24.07
N ILE B 195 -16.41 -26.16 22.92
CA ILE B 195 -15.59 -25.24 22.17
C ILE B 195 -16.45 -24.10 21.65
N ALA B 196 -17.71 -24.40 21.33
CA ALA B 196 -18.63 -23.37 20.84
C ALA B 196 -19.08 -22.47 21.98
N ILE B 197 -19.31 -23.06 23.15
CA ILE B 197 -19.71 -22.29 24.31
C ILE B 197 -18.60 -21.30 24.67
N ASP B 198 -17.33 -21.78 24.69
CA ASP B 198 -16.18 -20.94 24.93
C ASP B 198 -15.97 -19.93 23.79
N ALA B 199 -16.30 -20.32 22.57
CA ALA B 199 -16.16 -19.44 21.44
C ALA B 199 -17.14 -18.29 21.61
N ILE B 200 -18.40 -18.60 21.91
CA ILE B 200 -19.35 -17.54 22.16
C ILE B 200 -18.79 -16.66 23.28
N ASN B 201 -18.29 -17.28 24.35
CA ASN B 201 -17.86 -16.51 25.49
C ASN B 201 -16.71 -15.57 25.12
N SER B 202 -15.78 -16.08 24.31
CA SER B 202 -14.63 -15.31 23.90
C SER B 202 -14.99 -14.17 22.94
N ALA B 203 -15.97 -14.43 22.05
CA ALA B 203 -16.28 -13.55 20.93
C ALA B 203 -16.92 -12.27 21.43
N ARG B 204 -17.59 -12.36 22.58
CA ARG B 204 -18.19 -11.18 23.18
C ARG B 204 -17.18 -10.27 23.87
N SER B 205 -15.87 -10.59 23.93
CA SER B 205 -14.88 -9.68 24.50
C SER B 205 -14.19 -8.83 23.41
N ALA B 206 -13.56 -7.71 23.81
CA ALA B 206 -12.75 -6.97 22.86
C ALA B 206 -11.47 -7.77 22.59
N HIS B 207 -10.95 -7.70 21.34
CA HIS B 207 -9.75 -8.42 20.98
C HIS B 207 -8.94 -7.60 19.97
N SER B 208 -7.75 -8.13 19.64
CA SER B 208 -6.94 -7.62 18.55
C SER B 208 -6.54 -8.75 17.61
N PHE B 209 -6.41 -8.42 16.31
CA PHE B 209 -5.92 -9.37 15.32
C PHE B 209 -5.34 -8.62 14.11
N LEU B 210 -4.49 -9.29 13.37
CA LEU B 210 -3.83 -8.67 12.20
C LEU B 210 -4.60 -8.98 10.91
N SER B 211 -4.82 -7.95 10.09
CA SER B 211 -5.44 -8.13 8.77
C SER B 211 -5.16 -6.79 8.09
N VAL B 212 -5.92 -6.51 7.06
CA VAL B 212 -5.65 -5.31 6.25
C VAL B 212 -6.75 -4.25 6.32
N THR B 213 -6.37 -3.02 6.06
CA THR B 213 -7.33 -1.95 5.89
C THR B 213 -8.10 -2.14 4.57
N LYS B 214 -9.15 -1.34 4.41
CA LYS B 214 -9.87 -1.25 3.15
C LYS B 214 -8.89 -0.92 2.03
N TRP B 215 -7.77 -0.25 2.37
CA TRP B 215 -6.81 0.22 1.39
C TRP B 215 -5.79 -0.87 1.03
N GLY B 216 -5.88 -2.02 1.72
CA GLY B 216 -5.09 -3.20 1.45
C GLY B 216 -3.82 -3.32 2.30
N HIS B 217 -3.63 -2.50 3.32
CA HIS B 217 -2.37 -2.46 4.02
C HIS B 217 -2.44 -3.26 5.33
N SER B 218 -1.37 -3.98 5.68
CA SER B 218 -1.29 -4.72 6.92
C SER B 218 -1.67 -3.83 8.09
N ALA B 219 -2.43 -4.40 9.02
CA ALA B 219 -3.14 -3.61 10.00
C ALA B 219 -3.39 -4.39 11.27
N ILE B 220 -3.56 -3.58 12.33
CA ILE B 220 -4.06 -4.05 13.61
C ILE B 220 -5.54 -3.68 13.68
N VAL B 221 -6.37 -4.68 14.00
CA VAL B 221 -7.79 -4.47 14.16
C VAL B 221 -8.11 -4.67 15.63
N ASN B 222 -8.67 -3.62 16.27
CA ASN B 222 -9.15 -3.68 17.64
C ASN B 222 -10.68 -3.77 17.63
N THR B 223 -11.23 -4.82 18.26
CA THR B 223 -12.64 -5.15 18.14
C THR B 223 -13.34 -4.73 19.41
N SER B 224 -14.67 -4.60 19.34
CA SER B 224 -15.45 -4.12 20.49
C SER B 224 -16.16 -5.30 21.16
N GLY B 225 -16.08 -6.51 20.59
CA GLY B 225 -16.82 -7.67 21.11
C GLY B 225 -18.20 -7.74 20.45
N ASN B 226 -18.65 -8.97 20.16
CA ASN B 226 -19.87 -9.28 19.42
C ASN B 226 -20.78 -10.14 20.31
N PRO B 227 -21.91 -9.59 20.81
CA PRO B 227 -22.79 -10.37 21.68
C PRO B 227 -23.67 -11.29 20.83
N ASP B 228 -23.72 -11.07 19.53
CA ASP B 228 -24.66 -11.79 18.67
C ASP B 228 -24.02 -13.05 18.11
N CYS B 229 -23.49 -13.90 18.99
CA CYS B 229 -22.96 -15.17 18.58
C CYS B 229 -23.74 -16.27 19.28
N HIS B 230 -23.88 -17.42 18.61
CA HIS B 230 -24.69 -18.53 19.10
C HIS B 230 -24.10 -19.82 18.57
N ILE B 231 -24.50 -20.95 19.16
CA ILE B 231 -24.05 -22.26 18.72
C ILE B 231 -24.83 -22.70 17.47
N ILE B 232 -24.18 -23.53 16.64
CA ILE B 232 -24.79 -24.30 15.56
C ILE B 232 -24.56 -25.78 15.84
N LEU B 233 -25.62 -26.58 15.88
CA LEU B 233 -25.47 -28.00 16.10
C LEU B 233 -25.42 -28.67 14.73
N ARG B 234 -24.31 -29.32 14.40
CA ARG B 234 -24.16 -29.87 13.02
C ARG B 234 -23.98 -31.40 13.05
N GLY B 235 -23.80 -31.97 14.25
CA GLY B 235 -23.64 -33.43 14.38
C GLY B 235 -22.37 -33.78 15.12
N GLY B 236 -21.57 -34.70 14.57
CA GLY B 236 -20.33 -35.14 15.24
C GLY B 236 -20.18 -36.64 15.10
N LYS B 237 -19.81 -37.33 16.20
CA LYS B 237 -19.73 -38.81 16.16
C LYS B 237 -21.10 -39.36 15.74
N GLU B 238 -22.18 -38.81 16.31
CA GLU B 238 -23.56 -39.24 15.95
C GLU B 238 -24.42 -37.97 15.87
N PRO B 239 -25.56 -37.93 15.13
CA PRO B 239 -26.43 -36.75 15.15
C PRO B 239 -26.70 -36.11 16.51
N ASN B 240 -26.87 -34.78 16.54
CA ASN B 240 -27.06 -34.05 17.78
C ASN B 240 -28.24 -33.08 17.68
N TYR B 241 -29.30 -33.45 16.92
CA TYR B 241 -30.45 -32.57 16.70
C TYR B 241 -31.67 -32.92 17.56
N SER B 242 -31.67 -34.08 18.21
CA SER B 242 -32.85 -34.53 18.95
C SER B 242 -33.05 -33.69 20.21
N ALA B 243 -34.25 -33.81 20.79
CA ALA B 243 -34.70 -33.02 21.93
C ALA B 243 -33.76 -33.18 23.12
N GLU B 244 -33.16 -34.36 23.28
CA GLU B 244 -32.29 -34.64 24.41
C GLU B 244 -30.94 -33.95 24.18
N HIS B 245 -30.44 -33.95 22.94
CA HIS B 245 -29.21 -33.24 22.63
C HIS B 245 -29.42 -31.74 22.84
N VAL B 246 -30.57 -31.25 22.39
CA VAL B 246 -30.90 -29.83 22.51
C VAL B 246 -31.07 -29.43 23.97
N LYS B 247 -31.69 -30.30 24.77
CA LYS B 247 -31.85 -30.06 26.19
C LYS B 247 -30.47 -29.95 26.86
N ALA B 248 -29.53 -30.85 26.55
CA ALA B 248 -28.22 -30.83 27.18
C ALA B 248 -27.39 -29.63 26.71
N VAL B 249 -27.55 -29.19 25.44
CA VAL B 249 -26.89 -28.00 24.92
C VAL B 249 -27.42 -26.74 25.63
N ARG B 250 -28.74 -26.63 25.69
CA ARG B 250 -29.41 -25.53 26.37
C ARG B 250 -28.90 -25.39 27.81
N GLU B 251 -28.83 -26.51 28.54
CA GLU B 251 -28.40 -26.50 29.93
C GLU B 251 -26.92 -26.13 30.02
N GLY B 252 -26.12 -26.54 29.03
CA GLY B 252 -24.70 -26.20 28.98
C GLY B 252 -24.48 -24.72 28.72
N LEU B 253 -25.38 -24.11 27.92
CA LEU B 253 -25.37 -22.66 27.69
C LEU B 253 -25.84 -21.93 28.94
N ILE B 254 -26.87 -22.45 29.61
CA ILE B 254 -27.41 -21.78 30.78
C ILE B 254 -26.35 -21.77 31.89
N ASN B 255 -25.72 -22.92 32.14
CA ASN B 255 -24.71 -23.02 33.19
C ASN B 255 -23.55 -22.06 32.92
N ALA B 256 -23.23 -21.83 31.64
CA ALA B 256 -22.13 -20.95 31.28
C ALA B 256 -22.54 -19.49 31.37
N GLY B 257 -23.82 -19.23 31.64
CA GLY B 257 -24.35 -17.89 31.82
C GLY B 257 -24.85 -17.28 30.51
N LEU B 258 -25.00 -18.07 29.45
CA LEU B 258 -25.29 -17.56 28.12
C LEU B 258 -26.76 -17.78 27.75
N ILE B 259 -27.22 -16.97 26.80
CA ILE B 259 -28.58 -17.12 26.23
C ILE B 259 -28.71 -18.50 25.56
N PRO B 260 -29.70 -19.32 25.96
CA PRO B 260 -29.93 -20.59 25.30
C PRO B 260 -30.49 -20.45 23.90
N SER B 261 -29.70 -19.90 22.99
CA SER B 261 -30.13 -19.68 21.62
C SER B 261 -29.36 -20.58 20.65
N ILE B 262 -30.08 -21.48 19.96
CA ILE B 262 -29.51 -22.65 19.33
C ILE B 262 -29.95 -22.72 17.86
N MET B 263 -28.98 -22.93 16.96
CA MET B 263 -29.29 -23.12 15.54
C MET B 263 -28.95 -24.57 15.21
N ILE B 264 -29.85 -25.26 14.48
CA ILE B 264 -29.61 -26.65 14.12
C ILE B 264 -29.37 -26.78 12.62
N ASP B 265 -28.17 -27.26 12.23
CA ASP B 265 -27.83 -27.57 10.86
C ASP B 265 -28.46 -28.90 10.48
N PHE B 266 -29.29 -28.90 9.44
CA PHE B 266 -30.00 -30.09 9.03
C PHE B 266 -29.08 -31.00 8.23
N SER B 267 -27.97 -30.43 7.76
CA SER B 267 -27.12 -31.12 6.81
C SER B 267 -25.84 -31.63 7.51
N HIS B 268 -24.77 -31.80 6.72
CA HIS B 268 -23.43 -32.18 7.17
C HIS B 268 -23.56 -33.54 7.88
N ALA B 269 -23.13 -33.59 9.16
CA ALA B 269 -23.03 -34.83 9.91
C ALA B 269 -24.29 -35.10 10.74
N ASN B 270 -25.36 -34.30 10.51
CA ASN B 270 -26.71 -34.64 10.96
C ASN B 270 -27.39 -35.52 9.90
N SER B 271 -26.78 -35.62 8.71
CA SER B 271 -27.03 -36.71 7.75
C SER B 271 -25.92 -36.74 6.68
N LYS B 277 -31.81 -37.29 4.89
CA LYS B 277 -32.43 -37.25 6.24
C LYS B 277 -32.68 -35.79 6.64
N GLN B 278 -32.20 -34.83 5.83
CA GLN B 278 -32.46 -33.40 6.10
C GLN B 278 -33.94 -33.22 6.44
N MET B 279 -34.83 -33.85 5.65
CA MET B 279 -36.29 -33.74 5.89
C MET B 279 -36.65 -34.46 7.20
N GLU B 280 -36.09 -35.64 7.44
CA GLU B 280 -36.40 -36.30 8.71
C GLU B 280 -35.95 -35.41 9.86
N VAL B 281 -34.86 -34.65 9.66
CA VAL B 281 -34.37 -33.75 10.69
C VAL B 281 -35.37 -32.62 10.86
N ALA B 282 -35.87 -32.11 9.72
CA ALA B 282 -36.84 -31.02 9.71
C ALA B 282 -38.13 -31.43 10.43
N THR B 283 -38.58 -32.66 10.21
CA THR B 283 -39.75 -33.17 10.92
C THR B 283 -39.46 -33.17 12.42
N ASP B 284 -38.33 -33.72 12.82
CA ASP B 284 -38.00 -33.88 14.24
C ASP B 284 -37.88 -32.50 14.92
N VAL B 285 -37.29 -31.52 14.22
CA VAL B 285 -37.11 -30.18 14.76
C VAL B 285 -38.44 -29.46 14.78
N SER B 286 -39.25 -29.65 13.73
CA SER B 286 -40.55 -29.00 13.66
C SER B 286 -41.38 -29.39 14.87
N THR B 287 -41.30 -30.67 15.24
CA THR B 287 -41.88 -31.20 16.47
C THR B 287 -41.54 -30.36 17.69
N GLN B 288 -40.22 -30.22 17.93
CA GLN B 288 -39.76 -29.56 19.13
C GLN B 288 -40.23 -28.12 19.15
N LEU B 289 -40.21 -27.46 17.98
CA LEU B 289 -40.73 -26.12 17.84
C LEU B 289 -42.23 -26.11 18.18
N SER B 290 -43.01 -27.05 17.63
CA SER B 290 -44.44 -27.19 17.92
C SER B 290 -44.72 -27.43 19.41
N GLN B 291 -43.92 -28.28 20.08
CA GLN B 291 -44.11 -28.57 21.49
C GLN B 291 -43.80 -27.33 22.35
N GLY B 292 -43.13 -26.32 21.78
CA GLY B 292 -42.97 -25.05 22.44
C GLY B 292 -41.51 -24.73 22.85
N ASP B 293 -40.53 -25.26 22.11
CA ASP B 293 -39.13 -25.00 22.44
C ASP B 293 -38.65 -23.67 21.86
N ARG B 294 -38.59 -22.65 22.71
CA ARG B 294 -38.27 -21.29 22.32
C ARG B 294 -36.76 -21.10 22.24
N SER B 295 -35.99 -22.14 22.61
CA SER B 295 -34.53 -22.09 22.64
C SER B 295 -33.93 -22.38 21.26
N ILE B 296 -34.69 -23.05 20.38
CA ILE B 296 -34.28 -23.28 19.00
C ILE B 296 -34.62 -22.07 18.13
N THR B 297 -33.63 -21.26 17.74
CA THR B 297 -33.86 -19.94 17.15
C THR B 297 -33.45 -19.85 15.68
N GLY B 298 -32.81 -20.90 15.13
CA GLY B 298 -32.39 -20.90 13.74
C GLY B 298 -32.20 -22.32 13.21
N VAL B 299 -32.13 -22.48 11.88
CA VAL B 299 -31.83 -23.76 11.26
C VAL B 299 -31.02 -23.46 10.00
N MET B 300 -30.21 -24.45 9.57
CA MET B 300 -29.52 -24.43 8.29
C MET B 300 -29.97 -25.58 7.40
N ILE B 301 -30.16 -25.26 6.10
CA ILE B 301 -30.64 -26.22 5.12
C ILE B 301 -29.78 -26.09 3.87
N GLU B 302 -29.42 -27.21 3.27
CA GLU B 302 -28.67 -27.25 2.03
C GLU B 302 -29.59 -27.64 0.88
N SER B 303 -29.63 -26.82 -0.17
CA SER B 303 -30.75 -26.84 -1.10
C SER B 303 -30.30 -26.35 -2.47
N HIS B 304 -30.63 -27.14 -3.51
CA HIS B 304 -30.06 -26.99 -4.84
C HIS B 304 -31.18 -26.80 -5.88
N LEU B 305 -30.82 -26.39 -7.10
CA LEU B 305 -31.66 -26.57 -8.29
C LEU B 305 -30.93 -27.55 -9.23
N CYS B 328 -28.10 -32.45 -0.38
CA CYS B 328 -28.78 -31.30 -1.04
C CYS B 328 -30.16 -31.72 -1.55
N ILE B 329 -31.20 -30.97 -1.21
CA ILE B 329 -32.58 -31.30 -1.57
C ILE B 329 -33.05 -30.40 -2.72
N GLY B 330 -34.09 -30.88 -3.42
CA GLY B 330 -34.59 -30.21 -4.60
C GLY B 330 -35.50 -29.04 -4.24
N TRP B 331 -35.87 -28.22 -5.23
CA TRP B 331 -36.68 -27.05 -4.97
C TRP B 331 -38.03 -27.41 -4.37
N ASP B 332 -38.66 -28.51 -4.84
CA ASP B 332 -40.00 -28.84 -4.34
C ASP B 332 -39.89 -29.15 -2.85
N ASP B 333 -38.84 -29.89 -2.45
CA ASP B 333 -38.63 -30.26 -1.06
C ASP B 333 -38.17 -29.06 -0.22
N THR B 334 -37.58 -28.06 -0.88
CA THR B 334 -37.18 -26.84 -0.20
C THR B 334 -38.41 -26.06 0.23
N GLU B 335 -39.40 -25.92 -0.66
CA GLU B 335 -40.63 -25.23 -0.30
C GLU B 335 -41.28 -25.98 0.87
N LYS B 336 -41.40 -27.30 0.73
CA LYS B 336 -42.05 -28.16 1.71
C LYS B 336 -41.50 -27.90 3.11
N VAL B 337 -40.17 -27.87 3.25
CA VAL B 337 -39.55 -27.82 4.57
C VAL B 337 -39.78 -26.44 5.19
N LEU B 338 -39.67 -25.39 4.36
CA LEU B 338 -39.85 -24.02 4.78
C LEU B 338 -41.27 -23.82 5.30
N ARG B 339 -42.25 -24.38 4.58
CA ARG B 339 -43.64 -24.24 5.02
C ARG B 339 -43.90 -25.04 6.29
N GLN B 340 -43.18 -26.15 6.47
CA GLN B 340 -43.30 -27.00 7.65
C GLN B 340 -42.79 -26.27 8.90
N LEU B 341 -41.64 -25.61 8.75
CA LEU B 341 -41.01 -24.86 9.84
C LEU B 341 -41.84 -23.62 10.17
N SER B 342 -42.34 -22.97 9.11
CA SER B 342 -43.31 -21.88 9.26
C SER B 342 -44.45 -22.31 10.16
N GLU B 343 -45.09 -23.43 9.80
CA GLU B 343 -46.18 -24.01 10.57
C GLU B 343 -45.73 -24.28 11.99
N ALA B 344 -44.52 -24.79 12.18
CA ALA B 344 -44.03 -25.12 13.51
C ALA B 344 -43.86 -23.86 14.35
N VAL B 345 -43.47 -22.73 13.73
CA VAL B 345 -43.27 -21.47 14.44
C VAL B 345 -44.62 -20.92 14.93
N ILE B 346 -45.58 -20.96 14.01
CA ILE B 346 -46.96 -20.54 14.27
C ILE B 346 -47.50 -21.36 15.43
N ALA B 347 -47.33 -22.68 15.39
CA ALA B 347 -47.83 -23.53 16.46
C ALA B 347 -47.08 -23.24 17.76
N ARG B 348 -45.80 -22.85 17.67
CA ARG B 348 -45.03 -22.51 18.85
C ARG B 348 -45.61 -21.27 19.52
N ARG B 349 -46.12 -20.31 18.74
CA ARG B 349 -46.74 -19.11 19.30
C ARG B 349 -47.89 -19.47 20.25
N ASN B 350 -48.62 -20.54 19.93
CA ASN B 350 -49.94 -20.82 20.48
C ASN B 350 -49.85 -21.50 21.83
N LYS B 351 -48.87 -22.38 22.04
CA LYS B 351 -48.63 -23.03 23.32
C LYS B 351 -48.11 -22.03 24.39
N TYR C 3 11.33 17.54 19.49
CA TYR C 3 11.18 18.54 18.40
C TYR C 3 10.49 17.88 17.21
N GLN C 4 9.39 18.49 16.78
CA GLN C 4 8.54 17.92 15.73
C GLN C 4 8.92 18.61 14.41
N ASN C 5 9.80 17.94 13.63
CA ASN C 5 10.33 18.52 12.41
C ASN C 5 9.53 18.10 11.17
N ASP C 6 8.59 17.16 11.33
CA ASP C 6 7.99 16.53 10.17
C ASP C 6 6.66 17.18 9.87
N ASP C 7 6.44 17.59 8.63
CA ASP C 7 5.10 17.96 8.19
C ASP C 7 4.58 19.19 8.97
N VAL C 8 5.48 20.14 9.31
CA VAL C 8 5.01 21.27 10.08
C VAL C 8 4.08 22.12 9.19
N ARG C 9 4.18 22.04 7.86
CA ARG C 9 3.30 22.83 7.01
C ARG C 9 2.28 21.96 6.27
N VAL C 10 1.99 20.77 6.78
CA VAL C 10 0.95 19.97 6.15
C VAL C 10 -0.28 20.07 7.04
N LYS C 11 -1.37 20.66 6.55
CA LYS C 11 -2.61 20.69 7.28
C LYS C 11 -3.22 19.29 7.35
N GLN C 12 -3.26 18.60 6.20
CA GLN C 12 -3.90 17.29 6.11
C GLN C 12 -3.30 16.54 4.93
N ILE C 13 -3.16 15.22 5.13
CA ILE C 13 -2.72 14.30 4.10
C ILE C 13 -3.61 13.08 4.23
N LYS C 14 -4.31 12.71 3.15
CA LYS C 14 -5.21 11.58 3.15
C LYS C 14 -4.91 10.69 1.93
N GLU C 15 -5.09 9.38 2.11
CA GLU C 15 -4.95 8.43 1.04
C GLU C 15 -5.85 8.85 -0.12
N LEU C 16 -5.29 8.76 -1.31
CA LEU C 16 -6.05 8.84 -2.55
C LEU C 16 -6.43 7.42 -2.95
N LEU C 17 -7.56 7.25 -3.62
CA LEU C 17 -7.88 5.97 -4.25
C LEU C 17 -6.68 5.54 -5.06
N PRO C 18 -6.28 4.25 -4.99
CA PRO C 18 -5.17 3.78 -5.80
C PRO C 18 -5.67 3.82 -7.24
N PRO C 19 -4.80 3.98 -8.27
CA PRO C 19 -5.29 3.95 -9.64
C PRO C 19 -6.16 2.70 -9.92
N ILE C 20 -5.75 1.55 -9.35
CA ILE C 20 -6.44 0.31 -9.68
C ILE C 20 -7.92 0.43 -9.29
N ALA C 21 -8.24 1.21 -8.27
CA ALA C 21 -9.63 1.38 -7.86
C ALA C 21 -10.47 2.09 -8.95
N LEU C 22 -9.87 2.99 -9.71
CA LEU C 22 -10.62 3.71 -10.71
C LEU C 22 -10.68 2.91 -12.01
N LEU C 23 -9.67 2.07 -12.25
CA LEU C 23 -9.66 1.20 -13.42
C LEU C 23 -10.66 0.06 -13.22
N GLU C 24 -10.82 -0.41 -11.98
CA GLU C 24 -11.79 -1.46 -11.72
C GLU C 24 -13.21 -0.91 -11.83
N LYS C 25 -13.42 0.32 -11.33
CA LYS C 25 -14.75 0.89 -11.35
C LYS C 25 -15.13 1.31 -12.76
N PHE C 26 -14.16 1.82 -13.55
CA PHE C 26 -14.43 2.41 -14.85
C PHE C 26 -13.46 1.85 -15.88
N PRO C 27 -13.54 0.53 -16.19
CA PRO C 27 -12.66 -0.07 -17.20
C PRO C 27 -13.01 0.44 -18.59
N ALA C 28 -11.98 0.51 -19.44
CA ALA C 28 -12.12 0.81 -20.85
C ALA C 28 -12.96 -0.28 -21.54
N THR C 29 -14.02 0.11 -22.26
CA THR C 29 -14.69 -0.85 -23.14
C THR C 29 -13.74 -1.19 -24.29
N ASP C 30 -14.09 -2.21 -25.10
CA ASP C 30 -13.33 -2.51 -26.30
C ASP C 30 -13.34 -1.31 -27.25
N LYS C 31 -14.45 -0.57 -27.27
CA LYS C 31 -14.62 0.58 -28.14
C LYS C 31 -13.80 1.78 -27.66
N ALA C 32 -13.74 2.00 -26.34
CA ALA C 32 -12.90 3.03 -25.78
C ALA C 32 -11.45 2.75 -26.13
N ALA C 33 -11.02 1.51 -25.84
CA ALA C 33 -9.65 1.08 -26.05
C ALA C 33 -9.23 1.29 -27.51
N PHE C 34 -10.15 0.99 -28.45
CA PHE C 34 -9.93 1.14 -29.88
C PHE C 34 -9.82 2.62 -30.25
N THR C 35 -10.78 3.45 -29.82
CA THR C 35 -10.80 4.87 -30.12
C THR C 35 -9.45 5.49 -29.74
N VAL C 36 -8.99 5.12 -28.54
CA VAL C 36 -7.73 5.62 -28.00
C VAL C 36 -6.58 5.15 -28.89
N HIS C 37 -6.55 3.86 -29.20
CA HIS C 37 -5.43 3.29 -29.93
C HIS C 37 -5.35 3.91 -31.32
N GLU C 38 -6.51 4.07 -31.96
CA GLU C 38 -6.58 4.58 -33.33
C GLU C 38 -6.27 6.08 -33.34
N ALA C 39 -6.74 6.84 -32.36
CA ALA C 39 -6.51 8.27 -32.36
C ALA C 39 -5.01 8.55 -32.14
N ARG C 40 -4.37 7.77 -31.28
CA ARG C 40 -2.93 7.93 -31.07
C ARG C 40 -2.12 7.58 -32.33
N HIS C 41 -2.51 6.53 -33.07
CA HIS C 41 -1.83 6.15 -34.30
C HIS C 41 -2.04 7.28 -35.33
N ALA C 42 -3.30 7.71 -35.54
CA ALA C 42 -3.64 8.75 -36.48
C ALA C 42 -2.83 10.02 -36.21
N ILE C 43 -2.73 10.40 -34.94
CA ILE C 43 -2.03 11.61 -34.57
C ILE C 43 -0.54 11.41 -34.88
N HIS C 44 -0.01 10.24 -34.57
CA HIS C 44 1.36 9.93 -34.96
C HIS C 44 1.53 10.15 -36.47
N ASN C 45 0.61 9.62 -37.29
CA ASN C 45 0.78 9.67 -38.73
C ASN C 45 0.71 11.13 -39.19
N ILE C 46 -0.13 11.95 -38.54
CA ILE C 46 -0.28 13.34 -38.94
C ILE C 46 0.99 14.12 -38.56
N LEU C 47 1.61 13.76 -37.42
CA LEU C 47 2.73 14.53 -36.91
C LEU C 47 3.94 14.37 -37.82
N VAL C 48 4.11 13.15 -38.36
CA VAL C 48 5.25 12.85 -39.21
C VAL C 48 5.00 13.21 -40.69
N GLY C 49 3.77 13.59 -41.09
CA GLY C 49 3.47 13.99 -42.46
C GLY C 49 2.97 12.84 -43.34
N LYS C 50 2.75 11.65 -42.78
CA LYS C 50 2.25 10.51 -43.55
C LYS C 50 0.76 10.65 -43.82
N ASP C 51 0.10 11.51 -43.05
CA ASP C 51 -1.32 11.80 -43.18
C ASP C 51 -1.45 13.32 -43.34
N ASP C 52 -2.24 13.79 -44.31
CA ASP C 52 -2.24 15.22 -44.63
C ASP C 52 -3.42 15.90 -43.93
N ARG C 53 -4.08 15.16 -43.05
CA ARG C 53 -5.11 15.76 -42.22
C ARG C 53 -4.49 16.57 -41.07
N LEU C 54 -5.31 17.44 -40.47
CA LEU C 54 -4.95 18.26 -39.34
C LEU C 54 -5.52 17.66 -38.06
N VAL C 55 -4.70 17.59 -37.01
CA VAL C 55 -5.16 17.34 -35.64
C VAL C 55 -5.87 18.59 -35.12
N VAL C 56 -7.02 18.42 -34.45
CA VAL C 56 -7.74 19.54 -33.87
C VAL C 56 -8.15 19.20 -32.44
N VAL C 57 -7.44 19.78 -31.47
CA VAL C 57 -7.80 19.63 -30.09
C VAL C 57 -8.70 20.79 -29.70
N ILE C 58 -9.97 20.49 -29.43
CA ILE C 58 -10.97 21.53 -29.26
C ILE C 58 -11.84 21.14 -28.08
N GLY C 59 -12.09 22.07 -27.16
CA GLY C 59 -13.03 21.83 -26.08
C GLY C 59 -13.28 23.04 -25.19
N PRO C 60 -14.05 22.86 -24.10
CA PRO C 60 -14.28 23.89 -23.10
C PRO C 60 -12.99 24.43 -22.50
N CYS C 61 -13.06 25.68 -21.97
CA CYS C 61 -11.95 26.22 -21.19
C CYS C 61 -11.71 25.28 -20.01
N SER C 62 -12.80 24.93 -19.33
CA SER C 62 -12.80 23.83 -18.37
C SER C 62 -14.18 23.19 -18.27
N ILE C 63 -14.20 21.93 -17.82
CA ILE C 63 -15.43 21.20 -17.57
C ILE C 63 -15.94 21.59 -16.18
N HIS C 64 -17.12 22.21 -16.16
CA HIS C 64 -17.75 22.68 -14.95
C HIS C 64 -18.91 21.75 -14.59
N ASP C 65 -19.48 21.05 -15.57
CA ASP C 65 -20.73 20.33 -15.45
C ASP C 65 -20.71 19.19 -16.47
N THR C 66 -20.74 17.94 -16.03
CA THR C 66 -20.54 16.80 -16.96
C THR C 66 -21.63 16.70 -17.99
N LYS C 67 -22.85 17.08 -17.66
CA LYS C 67 -23.97 16.91 -18.62
C LYS C 67 -23.73 17.85 -19.80
N ALA C 68 -23.26 19.06 -19.51
CA ALA C 68 -22.94 20.03 -20.57
C ALA C 68 -21.79 19.49 -21.41
N ALA C 69 -20.84 18.82 -20.76
CA ALA C 69 -19.74 18.22 -21.50
C ALA C 69 -20.24 17.08 -22.37
N LEU C 70 -21.10 16.20 -21.83
CA LEU C 70 -21.64 15.10 -22.61
C LEU C 70 -22.45 15.64 -23.79
N GLU C 71 -23.12 16.78 -23.59
CA GLU C 71 -23.91 17.36 -24.67
C GLU C 71 -22.96 17.88 -25.74
N TYR C 72 -21.90 18.54 -25.32
CA TYR C 72 -20.90 19.05 -26.25
C TYR C 72 -20.27 17.90 -27.03
N ALA C 73 -20.04 16.77 -26.36
CA ALA C 73 -19.39 15.61 -26.94
C ALA C 73 -20.25 14.96 -28.03
N GLU C 74 -21.57 14.90 -27.80
CA GLU C 74 -22.51 14.36 -28.77
C GLU C 74 -22.40 15.16 -30.06
N ARG C 75 -22.45 16.50 -29.95
CA ARG C 75 -22.35 17.38 -31.11
C ARG C 75 -21.00 17.25 -31.81
N LEU C 76 -19.92 17.37 -31.03
CA LEU C 76 -18.57 17.35 -31.61
C LEU C 76 -18.32 16.03 -32.34
N LYS C 77 -18.87 14.94 -31.80
CA LYS C 77 -18.75 13.60 -32.38
C LYS C 77 -19.29 13.58 -33.81
N GLU C 78 -20.44 14.23 -34.05
CA GLU C 78 -21.04 14.23 -35.36
C GLU C 78 -20.13 15.00 -36.32
N ILE C 79 -19.49 16.06 -35.83
CA ILE C 79 -18.60 16.81 -36.70
C ILE C 79 -17.28 16.07 -36.88
N ARG C 80 -16.86 15.30 -35.87
CA ARG C 80 -15.68 14.47 -36.04
C ARG C 80 -15.89 13.49 -37.18
N GLU C 81 -17.10 12.93 -37.26
CA GLU C 81 -17.41 11.91 -38.24
C GLU C 81 -17.47 12.54 -39.64
N GLU C 82 -18.18 13.66 -39.76
CA GLU C 82 -18.35 14.36 -41.02
C GLU C 82 -17.01 14.84 -41.56
N LEU C 83 -16.13 15.41 -40.72
CA LEU C 83 -14.97 16.09 -41.26
C LEU C 83 -13.76 15.15 -41.27
N LYS C 84 -13.97 13.85 -41.03
CA LYS C 84 -12.87 12.98 -40.72
C LYS C 84 -11.88 12.81 -41.88
N ASP C 85 -12.28 13.22 -43.09
CA ASP C 85 -11.38 13.08 -44.24
C ASP C 85 -10.39 14.22 -44.28
N SER C 86 -10.65 15.31 -43.53
CA SER C 86 -9.75 16.44 -43.50
C SER C 86 -9.17 16.73 -42.10
N LEU C 87 -9.91 16.40 -41.03
CA LEU C 87 -9.55 16.70 -39.65
C LEU C 87 -9.56 15.41 -38.81
N GLU C 88 -8.64 15.30 -37.84
CA GLU C 88 -8.72 14.34 -36.75
C GLU C 88 -9.08 15.11 -35.47
N ILE C 89 -10.36 15.07 -35.10
CA ILE C 89 -10.87 15.90 -34.03
C ILE C 89 -10.83 15.13 -32.71
N VAL C 90 -10.23 15.74 -31.70
CA VAL C 90 -10.09 15.14 -30.36
C VAL C 90 -10.63 16.16 -29.37
N MET C 91 -11.45 15.72 -28.41
CA MET C 91 -12.06 16.67 -27.45
C MET C 91 -11.11 16.97 -26.29
N ARG C 92 -10.85 18.24 -26.06
CA ARG C 92 -10.04 18.67 -24.89
C ARG C 92 -10.93 18.57 -23.65
N VAL C 93 -10.50 17.75 -22.68
CA VAL C 93 -11.26 17.60 -21.42
C VAL C 93 -10.35 18.07 -20.29
N TYR C 94 -10.61 19.27 -19.78
CA TYR C 94 -9.75 19.86 -18.73
C TYR C 94 -10.53 20.12 -17.46
N PHE C 95 -9.89 19.96 -16.31
CA PHE C 95 -10.49 20.34 -15.03
C PHE C 95 -9.58 21.35 -14.28
N ASP C 118 -13.67 16.88 -2.57
CA ASP C 118 -13.24 15.46 -2.49
C ASP C 118 -12.52 15.07 -3.77
N ILE C 119 -11.19 14.89 -3.67
CA ILE C 119 -10.37 14.59 -4.83
C ILE C 119 -10.71 13.18 -5.34
N ASN C 120 -11.08 12.27 -4.43
CA ASN C 120 -11.53 10.95 -4.85
C ASN C 120 -12.76 11.02 -5.77
N GLU C 121 -13.73 11.87 -5.39
CA GLU C 121 -14.91 12.08 -6.21
C GLU C 121 -14.48 12.74 -7.52
N GLY C 122 -13.57 13.72 -7.44
CA GLY C 122 -13.09 14.37 -8.66
C GLY C 122 -12.53 13.34 -9.63
N LEU C 123 -11.74 12.40 -9.10
CA LEU C 123 -11.15 11.38 -9.95
C LEU C 123 -12.23 10.48 -10.56
N ARG C 124 -13.29 10.17 -9.83
CA ARG C 124 -14.37 9.28 -10.33
C ARG C 124 -15.13 9.99 -11.45
N ILE C 125 -15.44 11.26 -11.24
CA ILE C 125 -16.14 12.08 -12.22
C ILE C 125 -15.31 12.19 -13.50
N ALA C 126 -13.99 12.42 -13.36
CA ALA C 126 -13.11 12.63 -14.51
C ALA C 126 -12.98 11.36 -15.34
N ARG C 127 -12.64 10.26 -14.69
CA ARG C 127 -12.45 9.00 -15.41
C ARG C 127 -13.76 8.59 -16.07
N GLU C 128 -14.89 8.75 -15.38
CA GLU C 128 -16.19 8.35 -15.92
C GLU C 128 -16.54 9.19 -17.15
N LEU C 129 -16.30 10.50 -17.08
CA LEU C 129 -16.53 11.36 -18.23
C LEU C 129 -15.68 10.90 -19.39
N LEU C 130 -14.37 10.70 -19.15
CA LEU C 130 -13.44 10.32 -20.21
C LEU C 130 -13.85 9.00 -20.88
N LEU C 131 -14.17 8.00 -20.03
CA LEU C 131 -14.56 6.68 -20.50
C LEU C 131 -15.79 6.81 -21.40
N THR C 132 -16.81 7.57 -20.97
CA THR C 132 -18.06 7.68 -21.69
C THR C 132 -17.76 8.31 -23.05
N ILE C 133 -16.97 9.38 -23.08
CA ILE C 133 -16.71 10.05 -24.34
C ILE C 133 -15.93 9.14 -25.29
N ASN C 134 -14.91 8.43 -24.79
CA ASN C 134 -14.18 7.51 -25.65
C ASN C 134 -15.06 6.34 -26.10
N ASP C 135 -15.98 5.92 -25.25
CA ASP C 135 -16.82 4.78 -25.57
C ASP C 135 -17.84 5.14 -26.64
N GLN C 136 -18.08 6.45 -26.86
CA GLN C 136 -18.90 6.95 -27.95
C GLN C 136 -18.07 7.19 -29.21
N GLY C 137 -16.78 6.81 -29.22
CA GLY C 137 -15.91 6.91 -30.39
C GLY C 137 -15.35 8.34 -30.60
N LEU C 138 -15.25 9.14 -29.51
CA LEU C 138 -14.65 10.47 -29.53
C LEU C 138 -13.38 10.48 -28.67
N PRO C 139 -12.17 10.55 -29.28
CA PRO C 139 -10.93 10.54 -28.52
C PRO C 139 -10.76 11.84 -27.73
N THR C 140 -10.02 11.76 -26.62
CA THR C 140 -9.90 12.84 -25.65
C THR C 140 -8.44 13.23 -25.40
N ALA C 141 -8.28 14.50 -25.00
CA ALA C 141 -6.98 15.11 -24.82
C ALA C 141 -6.95 15.79 -23.44
N GLY C 142 -5.80 15.74 -22.76
CA GLY C 142 -5.66 16.30 -21.44
C GLY C 142 -4.43 17.20 -21.33
N GLU C 143 -4.14 17.59 -20.09
CA GLU C 143 -3.01 18.41 -19.74
C GLU C 143 -2.36 17.67 -18.57
N PHE C 144 -1.07 17.35 -18.68
CA PHE C 144 -0.37 16.67 -17.61
C PHE C 144 0.38 17.71 -16.75
N LEU C 145 -0.10 17.96 -15.54
CA LEU C 145 0.54 18.96 -14.63
C LEU C 145 1.42 18.24 -13.60
N ASP C 146 1.16 16.95 -13.38
CA ASP C 146 1.94 16.20 -12.42
C ASP C 146 2.23 14.77 -12.93
N VAL C 147 3.01 14.02 -12.15
CA VAL C 147 3.48 12.69 -12.49
C VAL C 147 2.62 11.59 -11.87
N ILE C 148 1.58 11.91 -11.10
CA ILE C 148 0.78 10.90 -10.41
C ILE C 148 -0.58 10.73 -11.10
N SER C 149 -1.21 11.83 -11.54
CA SER C 149 -2.56 11.76 -12.05
C SER C 149 -2.62 11.10 -13.42
N PRO C 150 -1.54 10.98 -14.22
CA PRO C 150 -1.62 10.13 -15.39
C PRO C 150 -1.98 8.68 -15.10
N GLN C 151 -1.62 8.18 -13.90
CA GLN C 151 -1.87 6.77 -13.64
C GLN C 151 -3.36 6.48 -13.58
N TYR C 152 -4.16 7.52 -13.45
CA TYR C 152 -5.61 7.39 -13.26
C TYR C 152 -6.34 7.45 -14.61
N VAL C 153 -5.78 8.13 -15.62
CA VAL C 153 -6.58 8.45 -16.79
C VAL C 153 -5.86 8.27 -18.11
N ALA C 154 -4.54 8.05 -18.12
CA ALA C 154 -3.75 8.11 -19.34
C ALA C 154 -4.20 7.07 -20.36
N ASP C 155 -4.72 5.94 -19.87
CA ASP C 155 -5.21 4.89 -20.73
C ASP C 155 -6.42 5.34 -21.54
N LEU C 156 -7.08 6.44 -21.17
CA LEU C 156 -8.15 7.02 -21.97
C LEU C 156 -7.71 8.29 -22.71
N MET C 157 -6.39 8.52 -22.86
CA MET C 157 -5.94 9.80 -23.35
C MET C 157 -5.25 9.61 -24.69
N SER C 158 -5.70 10.33 -25.71
CA SER C 158 -5.14 10.17 -27.03
C SER C 158 -4.06 11.20 -27.27
N TRP C 159 -3.96 12.20 -26.39
CA TRP C 159 -3.02 13.29 -26.54
C TRP C 159 -3.04 14.18 -25.31
N GLY C 160 -1.90 14.82 -25.02
CA GLY C 160 -1.76 15.69 -23.86
C GLY C 160 -0.78 16.83 -24.10
N ALA C 161 -0.93 17.89 -23.30
CA ALA C 161 -0.01 19.02 -23.30
C ALA C 161 0.75 19.04 -21.99
N ILE C 162 2.02 19.44 -22.09
CA ILE C 162 2.80 20.00 -21.01
C ILE C 162 2.71 21.53 -21.15
N GLY C 163 2.34 22.21 -20.05
CA GLY C 163 2.05 23.63 -20.06
C GLY C 163 3.31 24.48 -20.13
N ALA C 164 3.12 25.75 -20.52
CA ALA C 164 4.22 26.68 -20.74
C ALA C 164 5.12 26.77 -19.51
N ARG C 165 4.55 26.53 -18.32
CA ARG C 165 5.23 26.73 -17.06
C ARG C 165 6.04 25.50 -16.67
N THR C 166 5.83 24.37 -17.37
CA THR C 166 6.52 23.12 -17.01
C THR C 166 7.32 22.59 -18.19
N THR C 167 7.27 23.27 -19.34
CA THR C 167 7.97 22.71 -20.49
C THR C 167 9.47 22.59 -20.20
N GLU C 168 10.04 23.44 -19.34
CA GLU C 168 11.47 23.38 -19.07
C GLU C 168 11.79 22.39 -17.93
N SER C 169 10.76 21.92 -17.23
CA SER C 169 10.95 21.14 -16.02
C SER C 169 11.39 19.72 -16.35
N GLN C 170 12.50 19.31 -15.74
CA GLN C 170 13.08 17.99 -15.95
C GLN C 170 12.02 16.91 -15.71
N ILE C 171 11.31 16.97 -14.60
CA ILE C 171 10.42 15.88 -14.29
C ILE C 171 9.31 15.77 -15.34
N HIS C 172 8.98 16.87 -16.02
CA HIS C 172 7.86 16.87 -16.94
C HIS C 172 8.27 16.30 -18.28
N ARG C 173 9.53 16.55 -18.66
CA ARG C 173 10.11 15.98 -19.85
C ARG C 173 10.30 14.47 -19.66
N GLU C 174 10.72 14.09 -18.44
CA GLU C 174 10.82 12.68 -18.13
C GLU C 174 9.44 12.03 -18.22
N LEU C 175 8.40 12.70 -17.75
CA LEU C 175 7.05 12.14 -17.80
C LEU C 175 6.63 11.90 -19.25
N ALA C 176 6.82 12.94 -20.08
CA ALA C 176 6.50 12.85 -21.49
C ALA C 176 7.20 11.62 -22.09
N SER C 177 8.44 11.40 -21.66
CA SER C 177 9.25 10.32 -22.21
C SER C 177 8.59 8.96 -21.98
N GLY C 178 7.72 8.83 -20.97
CA GLY C 178 7.11 7.56 -20.64
C GLY C 178 5.60 7.51 -20.82
N LEU C 179 5.03 8.51 -21.53
CA LEU C 179 3.58 8.52 -21.71
C LEU C 179 3.24 7.75 -22.97
N SER C 180 2.12 7.03 -23.00
CA SER C 180 1.69 6.23 -24.13
C SER C 180 1.15 7.08 -25.29
N CYS C 181 0.90 8.37 -25.09
CA CYS C 181 0.29 9.15 -26.16
C CYS C 181 1.30 10.16 -26.70
N PRO C 182 1.03 10.76 -27.87
CA PRO C 182 1.75 11.96 -28.30
C PRO C 182 1.61 13.09 -27.29
N VAL C 183 2.61 14.01 -27.28
CA VAL C 183 2.59 15.12 -26.35
C VAL C 183 3.04 16.43 -27.01
N GLY C 184 2.37 17.53 -26.64
CA GLY C 184 2.72 18.87 -27.07
C GLY C 184 3.42 19.63 -25.94
N PHE C 185 4.60 20.20 -26.23
CA PHE C 185 5.24 21.14 -25.33
C PHE C 185 4.88 22.55 -25.77
N LYS C 186 4.16 23.28 -24.92
CA LYS C 186 3.94 24.70 -25.12
C LYS C 186 5.27 25.43 -24.95
N ASN C 187 5.42 26.52 -25.72
CA ASN C 187 6.56 27.41 -25.56
C ASN C 187 6.41 28.12 -24.22
N GLY C 188 7.49 28.79 -23.77
CA GLY C 188 7.49 29.45 -22.48
C GLY C 188 6.56 30.67 -22.44
N THR C 189 6.24 31.16 -21.24
CA THR C 189 5.19 32.17 -21.09
C THR C 189 5.60 33.49 -21.75
N ASP C 190 6.88 33.63 -22.12
CA ASP C 190 7.38 34.86 -22.72
C ASP C 190 7.66 34.70 -24.21
N GLY C 191 7.34 33.54 -24.80
CA GLY C 191 7.48 33.30 -26.23
C GLY C 191 8.67 32.43 -26.60
N THR C 192 9.57 32.18 -25.63
CA THR C 192 10.77 31.36 -25.78
C THR C 192 10.42 30.02 -26.43
N ILE C 193 11.07 29.75 -27.56
CA ILE C 193 10.95 28.53 -28.35
C ILE C 193 11.89 27.44 -27.85
N LYS C 194 13.07 27.81 -27.33
CA LYS C 194 14.15 26.86 -27.13
C LYS C 194 13.76 25.76 -26.14
N ILE C 195 12.95 26.09 -25.13
CA ILE C 195 12.68 25.15 -24.08
C ILE C 195 11.86 24.00 -24.66
N ALA C 196 10.99 24.28 -25.65
CA ALA C 196 10.18 23.25 -26.27
C ALA C 196 11.03 22.37 -27.18
N ILE C 197 11.98 22.99 -27.88
CA ILE C 197 12.86 22.25 -28.77
C ILE C 197 13.68 21.26 -27.92
N ASP C 198 14.26 21.74 -26.82
CA ASP C 198 15.00 20.92 -25.87
C ASP C 198 14.09 19.85 -25.23
N ALA C 199 12.83 20.23 -24.95
CA ALA C 199 11.89 19.33 -24.34
C ALA C 199 11.61 18.18 -25.29
N ILE C 200 11.31 18.51 -26.55
CA ILE C 200 11.06 17.46 -27.52
C ILE C 200 12.30 16.57 -27.57
N ASN C 201 13.47 17.21 -27.62
CA ASN C 201 14.69 16.45 -27.80
C ASN C 201 14.91 15.50 -26.62
N SER C 202 14.63 15.98 -25.41
CA SER C 202 14.83 15.21 -24.19
C SER C 202 13.82 14.07 -24.07
N ALA C 203 12.57 14.33 -24.50
CA ALA C 203 11.47 13.41 -24.27
C ALA C 203 11.64 12.12 -25.08
N ARG C 204 12.39 12.21 -26.19
CA ARG C 204 12.73 11.07 -27.02
C ARG C 204 13.71 10.08 -26.39
N SER C 205 14.36 10.42 -25.25
CA SER C 205 15.32 9.51 -24.62
C SER C 205 14.68 8.71 -23.49
N ALA C 206 15.32 7.61 -23.08
CA ALA C 206 14.89 6.88 -21.90
C ALA C 206 15.22 7.71 -20.65
N HIS C 207 14.36 7.65 -19.62
CA HIS C 207 14.53 8.43 -18.41
C HIS C 207 13.95 7.70 -17.22
N SER C 208 14.18 8.26 -16.03
CA SER C 208 13.62 7.76 -14.78
C SER C 208 12.93 8.89 -14.01
N PHE C 209 11.82 8.55 -13.31
CA PHE C 209 11.15 9.48 -12.44
C PHE C 209 10.34 8.73 -11.38
N LEU C 210 9.95 9.46 -10.35
CA LEU C 210 9.16 8.86 -9.26
C LEU C 210 7.66 9.14 -9.43
N SER C 211 6.83 8.12 -9.21
CA SER C 211 5.36 8.29 -9.19
C SER C 211 4.92 6.99 -8.51
N VAL C 212 3.66 6.63 -8.69
CA VAL C 212 3.12 5.41 -8.07
C VAL C 212 2.72 4.32 -9.06
N THR C 213 2.72 3.07 -8.61
CA THR C 213 2.19 1.97 -9.38
C THR C 213 0.68 2.09 -9.49
N LYS C 214 0.10 1.23 -10.33
CA LYS C 214 -1.35 1.10 -10.42
C LYS C 214 -1.91 0.79 -9.03
N TRP C 215 -1.08 0.17 -8.17
CA TRP C 215 -1.53 -0.25 -6.84
C TRP C 215 -1.45 0.90 -5.81
N GLY C 216 -0.86 2.01 -6.23
CA GLY C 216 -0.80 3.24 -5.45
C GLY C 216 0.50 3.39 -4.67
N HIS C 217 1.52 2.58 -4.92
CA HIS C 217 2.73 2.58 -4.10
C HIS C 217 3.84 3.39 -4.77
N SER C 218 4.64 4.13 -3.97
CA SER C 218 5.79 4.86 -4.51
C SER C 218 6.64 3.96 -5.38
N ALA C 219 7.12 4.53 -6.49
CA ALA C 219 7.71 3.73 -7.52
C ALA C 219 8.73 4.52 -8.32
N ILE C 220 9.64 3.73 -8.90
CA ILE C 220 10.55 4.18 -9.94
C ILE C 220 9.97 3.73 -11.28
N VAL C 221 9.82 4.70 -12.18
CA VAL C 221 9.35 4.46 -13.52
C VAL C 221 10.54 4.70 -14.46
N ASN C 222 10.90 3.65 -15.22
CA ASN C 222 11.90 3.71 -16.27
C ASN C 222 11.23 3.74 -17.63
N THR C 223 11.51 4.80 -18.42
CA THR C 223 10.78 5.05 -19.65
C THR C 223 11.61 4.59 -20.85
N SER C 224 10.93 4.41 -21.99
CA SER C 224 11.59 3.95 -23.21
C SER C 224 11.83 5.11 -24.18
N GLY C 225 11.37 6.31 -23.86
CA GLY C 225 11.47 7.45 -24.78
C GLY C 225 10.26 7.52 -25.72
N ASN C 226 9.81 8.75 -26.01
CA ASN C 226 8.60 9.05 -26.77
C ASN C 226 8.98 9.91 -27.99
N PRO C 227 8.93 9.36 -29.22
CA PRO C 227 9.27 10.14 -30.41
C PRO C 227 8.13 11.08 -30.79
N ASP C 228 6.93 10.85 -30.27
CA ASP C 228 5.75 11.58 -30.71
C ASP C 228 5.54 12.83 -29.88
N CYS C 229 6.56 13.69 -29.78
CA CYS C 229 6.37 14.99 -29.16
C CYS C 229 6.59 16.10 -30.19
N HIS C 230 5.90 17.23 -30.04
CA HIS C 230 5.96 18.34 -30.97
C HIS C 230 5.71 19.64 -30.20
N ILE C 231 6.02 20.78 -30.81
CA ILE C 231 5.81 22.07 -30.19
C ILE C 231 4.35 22.49 -30.33
N ILE C 232 3.88 23.31 -29.37
CA ILE C 232 2.64 24.07 -29.44
C ILE C 232 2.97 25.55 -29.34
N LEU C 233 2.51 26.34 -30.30
CA LEU C 233 2.69 27.78 -30.24
C LEU C 233 1.50 28.41 -29.56
N ARG C 234 1.70 29.03 -28.40
CA ARG C 234 0.56 29.53 -27.59
C ARG C 234 0.67 31.03 -27.34
N GLY C 235 1.64 31.68 -27.98
CA GLY C 235 1.86 33.12 -27.77
C GLY C 235 2.82 33.35 -26.66
N GLY C 236 3.20 34.60 -26.44
CA GLY C 236 4.06 34.92 -25.30
C GLY C 236 3.82 36.41 -25.24
N LYS C 237 4.85 37.18 -24.90
CA LYS C 237 4.74 38.66 -24.91
C LYS C 237 3.90 39.19 -26.06
N GLU C 238 4.15 38.68 -27.27
CA GLU C 238 3.32 39.04 -28.44
C GLU C 238 2.82 37.74 -29.08
N PRO C 239 1.69 37.72 -29.79
CA PRO C 239 1.29 36.51 -30.50
C PRO C 239 2.36 35.89 -31.36
N ASN C 240 2.29 34.57 -31.57
CA ASN C 240 3.33 33.87 -32.33
C ASN C 240 2.73 32.90 -33.36
N TYR C 241 1.56 33.25 -33.91
CA TYR C 241 0.84 32.38 -34.85
C TYR C 241 1.06 32.79 -36.31
N SER C 242 1.59 34.00 -36.58
CA SER C 242 1.72 34.49 -37.95
C SER C 242 2.76 33.68 -38.72
N ALA C 243 2.70 33.81 -40.06
CA ALA C 243 3.51 33.03 -40.99
C ALA C 243 5.01 33.20 -40.72
N GLU C 244 5.42 34.40 -40.26
CA GLU C 244 6.83 34.64 -40.03
C GLU C 244 7.27 34.00 -38.70
N HIS C 245 6.39 33.97 -37.68
CA HIS C 245 6.70 33.23 -36.46
C HIS C 245 6.79 31.75 -36.76
N VAL C 246 5.87 31.25 -37.59
CA VAL C 246 5.85 29.84 -37.96
C VAL C 246 7.08 29.48 -38.78
N LYS C 247 7.50 30.39 -39.67
CA LYS C 247 8.70 30.19 -40.48
C LYS C 247 9.93 30.07 -39.57
N ALA C 248 10.06 30.95 -38.56
CA ALA C 248 11.21 30.93 -37.67
C ALA C 248 11.19 29.69 -36.76
N VAL C 249 10.01 29.22 -36.35
CA VAL C 249 9.86 28.00 -35.56
C VAL C 249 10.29 26.78 -36.38
N ARG C 250 9.74 26.70 -37.59
CA ARG C 250 10.06 25.61 -38.51
C ARG C 250 11.57 25.47 -38.69
N GLU C 251 12.24 26.61 -38.95
CA GLU C 251 13.67 26.63 -39.17
C GLU C 251 14.43 26.23 -37.89
N GLY C 252 13.91 26.63 -36.72
CA GLY C 252 14.51 26.29 -35.44
C GLY C 252 14.38 24.80 -35.14
N LEU C 253 13.28 24.18 -35.59
CA LEU C 253 13.09 22.74 -35.47
C LEU C 253 14.02 22.02 -36.44
N ILE C 254 14.13 22.54 -37.67
CA ILE C 254 14.93 21.87 -38.68
C ILE C 254 16.40 21.88 -38.25
N ASN C 255 16.90 23.04 -37.81
CA ASN C 255 18.29 23.17 -37.38
C ASN C 255 18.61 22.22 -36.24
N ALA C 256 17.63 21.99 -35.36
CA ALA C 256 17.84 21.13 -34.21
C ALA C 256 17.74 19.64 -34.59
N GLY C 257 17.39 19.38 -35.86
CA GLY C 257 17.35 18.03 -36.39
C GLY C 257 15.98 17.37 -36.20
N LEU C 258 14.93 18.18 -35.95
CA LEU C 258 13.62 17.65 -35.61
C LEU C 258 12.64 17.85 -36.78
N ILE C 259 11.61 16.99 -36.81
CA ILE C 259 10.54 17.09 -37.80
C ILE C 259 9.88 18.45 -37.63
N PRO C 260 9.74 19.26 -38.71
CA PRO C 260 9.00 20.53 -38.61
C PRO C 260 7.49 20.31 -38.51
N SER C 261 7.04 19.90 -37.30
CA SER C 261 5.64 19.61 -37.03
C SER C 261 5.12 20.49 -35.89
N ILE C 262 4.14 21.35 -36.20
CA ILE C 262 3.80 22.52 -35.39
C ILE C 262 2.31 22.54 -35.10
N MET C 263 1.94 22.72 -33.82
CA MET C 263 0.54 22.91 -33.45
C MET C 263 0.38 24.34 -32.97
N ILE C 264 -0.70 25.02 -33.38
CA ILE C 264 -0.93 26.40 -32.97
C ILE C 264 -2.16 26.49 -32.06
N ASP C 265 -1.95 26.94 -30.82
CA ASP C 265 -3.03 27.22 -29.88
C ASP C 265 -3.68 28.55 -30.25
N PHE C 266 -4.98 28.54 -30.53
CA PHE C 266 -5.67 29.75 -30.94
C PHE C 266 -5.99 30.64 -29.73
N SER C 267 -5.88 30.06 -28.54
CA SER C 267 -6.36 30.70 -27.33
C SER C 267 -5.18 31.23 -26.52
N HIS C 268 -5.44 31.42 -25.21
CA HIS C 268 -4.44 31.81 -24.21
C HIS C 268 -3.84 33.15 -24.61
N ALA C 269 -2.50 33.21 -24.82
CA ALA C 269 -1.80 34.47 -25.07
C ALA C 269 -1.65 34.76 -26.57
N ASN C 270 -2.32 33.95 -27.43
CA ASN C 270 -2.55 34.31 -28.82
C ASN C 270 -3.82 35.17 -28.94
N SER C 271 -4.60 35.25 -27.84
CA SER C 271 -5.65 36.24 -27.64
C SER C 271 -6.10 36.25 -26.16
N LYS C 277 -11.14 37.17 -31.25
CA LYS C 277 -9.68 37.09 -31.54
C LYS C 277 -9.29 35.67 -31.94
N GLN C 278 -9.92 34.67 -31.33
CA GLN C 278 -9.72 33.28 -31.72
C GLN C 278 -10.18 33.04 -33.16
N MET C 279 -11.25 33.77 -33.59
CA MET C 279 -11.74 33.66 -34.96
C MET C 279 -10.75 34.30 -35.93
N GLU C 280 -10.07 35.38 -35.51
CA GLU C 280 -9.11 36.05 -36.37
C GLU C 280 -7.88 35.16 -36.53
N VAL C 281 -7.53 34.39 -35.48
CA VAL C 281 -6.38 33.50 -35.53
C VAL C 281 -6.70 32.37 -36.49
N ALA C 282 -7.92 31.85 -36.40
CA ALA C 282 -8.36 30.75 -37.27
C ALA C 282 -8.35 31.16 -38.74
N THR C 283 -8.77 32.41 -39.04
CA THR C 283 -8.69 32.93 -40.40
C THR C 283 -7.24 32.92 -40.86
N ASP C 284 -6.36 33.50 -40.03
CA ASP C 284 -4.97 33.69 -40.39
C ASP C 284 -4.29 32.33 -40.62
N VAL C 285 -4.61 31.33 -39.77
CA VAL C 285 -4.01 30.02 -39.85
C VAL C 285 -4.59 29.27 -41.05
N SER C 286 -5.90 29.41 -41.25
CA SER C 286 -6.53 28.72 -42.38
C SER C 286 -5.87 29.14 -43.69
N THR C 287 -5.54 30.44 -43.78
CA THR C 287 -4.73 30.99 -44.86
C THR C 287 -3.46 30.20 -45.12
N GLN C 288 -2.64 30.07 -44.08
CA GLN C 288 -1.34 29.44 -44.22
C GLN C 288 -1.51 28.00 -44.67
N LEU C 289 -2.52 27.31 -44.12
CA LEU C 289 -2.84 25.96 -44.54
C LEU C 289 -3.25 25.95 -46.01
N SER C 290 -4.12 26.90 -46.43
CA SER C 290 -4.52 27.06 -47.82
C SER C 290 -3.32 27.32 -48.76
N GLN C 291 -2.36 28.17 -48.35
CA GLN C 291 -1.15 28.46 -49.13
C GLN C 291 -0.32 27.20 -49.35
N GLY C 292 -0.49 26.21 -48.48
CA GLY C 292 0.14 24.91 -48.65
C GLY C 292 1.21 24.63 -47.60
N ASP C 293 1.01 25.12 -46.36
CA ASP C 293 1.98 24.87 -45.32
C ASP C 293 1.73 23.51 -44.66
N ARG C 294 2.55 22.53 -45.01
CA ARG C 294 2.38 21.15 -44.56
C ARG C 294 3.01 20.95 -43.17
N SER C 295 3.68 22.00 -42.66
CA SER C 295 4.40 21.96 -41.41
C SER C 295 3.48 22.24 -40.21
N ILE C 296 2.33 22.90 -40.47
CA ILE C 296 1.30 23.10 -39.45
C ILE C 296 0.41 21.86 -39.38
N THR C 297 0.57 21.02 -38.33
CA THR C 297 -0.04 19.70 -38.25
C THR C 297 -1.15 19.60 -37.21
N GLY C 298 -1.41 20.66 -36.43
CA GLY C 298 -2.47 20.67 -35.45
C GLY C 298 -2.86 22.07 -35.01
N VAL C 299 -4.02 22.21 -34.36
CA VAL C 299 -4.43 23.46 -33.74
C VAL C 299 -5.16 23.13 -32.44
N MET C 300 -5.25 24.10 -31.52
CA MET C 300 -6.05 24.03 -30.31
C MET C 300 -7.06 25.18 -30.26
N ILE C 301 -8.27 24.87 -29.81
CA ILE C 301 -9.39 25.82 -29.82
C ILE C 301 -10.13 25.65 -28.50
N GLU C 302 -10.55 26.76 -27.89
CA GLU C 302 -11.36 26.75 -26.69
C GLU C 302 -12.80 27.13 -27.05
N SER C 303 -13.75 26.28 -26.66
CA SER C 303 -15.11 26.32 -27.20
C SER C 303 -16.09 25.82 -26.15
N HIS C 304 -17.20 26.56 -25.95
CA HIS C 304 -18.18 26.35 -24.90
C HIS C 304 -19.57 26.10 -25.52
N LEU C 305 -20.55 25.78 -24.67
CA LEU C 305 -21.98 25.90 -24.99
C LEU C 305 -22.58 27.04 -24.14
N CYS C 328 -13.44 31.70 -24.93
CA CYS C 328 -14.38 30.60 -25.28
C CYS C 328 -15.48 31.08 -26.22
N ILE C 329 -15.66 30.40 -27.36
CA ILE C 329 -16.62 30.79 -28.39
C ILE C 329 -17.81 29.84 -28.38
N GLY C 330 -18.92 30.29 -28.98
CA GLY C 330 -20.18 29.57 -28.95
C GLY C 330 -20.20 28.45 -29.98
N TRP C 331 -21.20 27.57 -29.86
CA TRP C 331 -21.27 26.39 -30.70
C TRP C 331 -21.39 26.76 -32.18
N ASP C 332 -22.15 27.81 -32.51
CA ASP C 332 -22.35 28.21 -33.90
C ASP C 332 -21.00 28.53 -34.53
N ASP C 333 -20.18 29.29 -33.78
CA ASP C 333 -18.88 29.74 -34.23
C ASP C 333 -17.86 28.60 -34.21
N THR C 334 -18.12 27.59 -33.38
CA THR C 334 -17.26 26.42 -33.32
C THR C 334 -17.39 25.61 -34.60
N GLU C 335 -18.63 25.40 -35.05
CA GLU C 335 -18.84 24.66 -36.29
C GLU C 335 -18.18 25.43 -37.44
N LYS C 336 -18.42 26.75 -37.49
CA LYS C 336 -17.90 27.63 -38.52
C LYS C 336 -16.39 27.45 -38.70
N VAL C 337 -15.65 27.48 -37.59
CA VAL C 337 -14.19 27.49 -37.64
C VAL C 337 -13.69 26.12 -38.10
N LEU C 338 -14.33 25.05 -37.64
CA LEU C 338 -13.99 23.69 -38.01
C LEU C 338 -14.17 23.47 -39.51
N ARG C 339 -15.27 24.00 -40.07
CA ARG C 339 -15.52 23.87 -41.49
C ARG C 339 -14.50 24.68 -42.29
N GLN C 340 -14.03 25.80 -41.72
CA GLN C 340 -13.04 26.67 -42.35
C GLN C 340 -11.69 25.97 -42.46
N LEU C 341 -11.27 25.31 -41.35
CA LEU C 341 -10.02 24.58 -41.29
C LEU C 341 -10.08 23.35 -42.22
N SER C 342 -11.22 22.66 -42.19
CA SER C 342 -11.50 21.56 -43.11
C SER C 342 -11.25 22.01 -44.56
N GLU C 343 -11.88 23.12 -44.96
CA GLU C 343 -11.69 23.72 -46.28
C GLU C 343 -10.22 24.00 -46.53
N ALA C 344 -9.52 24.53 -45.51
CA ALA C 344 -8.11 24.86 -45.66
C ALA C 344 -7.27 23.61 -45.93
N VAL C 345 -7.63 22.49 -45.30
CA VAL C 345 -6.89 21.23 -45.44
C VAL C 345 -7.07 20.67 -46.84
N ILE C 346 -8.33 20.69 -47.30
CA ILE C 346 -8.71 20.26 -48.64
C ILE C 346 -7.91 21.06 -49.67
N ALA C 347 -7.89 22.40 -49.52
CA ALA C 347 -7.13 23.24 -50.44
C ALA C 347 -5.64 22.93 -50.35
N ARG C 348 -5.16 22.56 -49.16
CA ARG C 348 -3.75 22.22 -48.98
C ARG C 348 -3.41 20.96 -49.79
N ARG C 349 -4.34 20.01 -49.89
CA ARG C 349 -4.14 18.80 -50.66
C ARG C 349 -3.75 19.11 -52.10
N ASN C 350 -4.33 20.19 -52.67
CA ASN C 350 -4.37 20.39 -54.11
C ASN C 350 -3.04 20.93 -54.65
N LYS C 351 -2.56 21.98 -53.97
CA LYS C 351 -1.26 22.59 -54.35
C LYS C 351 -0.12 21.71 -53.86
N TYR D 3 -5.93 -4.55 -27.42
CA TYR D 3 -4.97 -3.42 -27.63
C TYR D 3 -4.27 -3.12 -26.31
N GLN D 4 -2.93 -2.98 -26.36
CA GLN D 4 -2.16 -2.54 -25.22
C GLN D 4 -2.00 -1.01 -25.31
N ASN D 5 -2.90 -0.27 -24.60
CA ASN D 5 -2.81 1.18 -24.52
C ASN D 5 -2.02 1.63 -23.29
N ASP D 6 -1.77 0.70 -22.35
CA ASP D 6 -1.25 1.10 -21.06
C ASP D 6 0.25 0.88 -21.02
N ASP D 7 1.01 1.92 -20.65
CA ASP D 7 2.41 1.73 -20.32
C ASP D 7 3.21 1.27 -21.55
N VAL D 8 2.84 1.76 -22.74
CA VAL D 8 3.57 1.32 -23.92
C VAL D 8 4.98 1.91 -23.87
N ARG D 9 5.23 3.00 -23.14
CA ARG D 9 6.57 3.56 -23.08
C ARG D 9 7.24 3.35 -21.74
N VAL D 10 6.78 2.38 -20.95
CA VAL D 10 7.42 2.14 -19.70
C VAL D 10 8.21 0.85 -19.87
N LYS D 11 9.54 0.93 -19.80
CA LYS D 11 10.36 -0.26 -19.81
C LYS D 11 10.18 -1.04 -18.51
N GLN D 12 10.19 -0.35 -17.37
CA GLN D 12 10.04 -0.99 -16.07
C GLN D 12 9.51 0.02 -15.06
N ILE D 13 8.68 -0.51 -14.14
CA ILE D 13 8.18 0.24 -13.01
C ILE D 13 8.33 -0.67 -11.80
N LYS D 14 9.11 -0.21 -10.81
CA LYS D 14 9.52 -1.03 -9.67
C LYS D 14 9.15 -0.27 -8.40
N GLU D 15 8.57 -1.00 -7.45
CA GLU D 15 8.30 -0.55 -6.11
C GLU D 15 9.53 0.16 -5.55
N LEU D 16 9.30 1.32 -4.97
CA LEU D 16 10.30 2.01 -4.17
C LEU D 16 10.07 1.62 -2.72
N LEU D 17 11.11 1.60 -1.88
CA LEU D 17 10.90 1.45 -0.45
C LEU D 17 9.92 2.54 -0.04
N PRO D 18 8.94 2.25 0.84
CA PRO D 18 8.05 3.30 1.32
C PRO D 18 8.91 4.21 2.17
N PRO D 19 8.59 5.52 2.32
CA PRO D 19 9.38 6.37 3.19
C PRO D 19 9.56 5.77 4.60
N ILE D 20 8.51 5.10 5.10
CA ILE D 20 8.55 4.61 6.47
C ILE D 20 9.72 3.63 6.64
N ALA D 21 10.07 2.90 5.57
CA ALA D 21 11.20 1.98 5.63
C ALA D 21 12.52 2.70 5.86
N LEU D 22 12.67 3.92 5.35
CA LEU D 22 13.93 4.62 5.52
C LEU D 22 13.97 5.35 6.86
N LEU D 23 12.80 5.73 7.38
CA LEU D 23 12.70 6.34 8.69
C LEU D 23 12.94 5.30 9.78
N GLU D 24 12.49 4.07 9.54
CA GLU D 24 12.70 3.02 10.52
C GLU D 24 14.18 2.62 10.53
N LYS D 25 14.79 2.54 9.35
CA LYS D 25 16.17 2.11 9.28
C LYS D 25 17.11 3.21 9.78
N PHE D 26 16.78 4.48 9.53
CA PHE D 26 17.67 5.61 9.82
C PHE D 26 16.89 6.72 10.51
N PRO D 27 16.39 6.47 11.75
CA PRO D 27 15.67 7.49 12.51
C PRO D 27 16.61 8.61 12.90
N ALA D 28 16.02 9.81 12.99
CA ALA D 28 16.70 10.99 13.48
C ALA D 28 17.06 10.80 14.96
N THR D 29 18.33 11.02 15.32
CA THR D 29 18.67 11.11 16.75
C THR D 29 18.01 12.37 17.31
N ASP D 30 18.02 12.50 18.64
CA ASP D 30 17.53 13.71 19.29
C ASP D 30 18.41 14.89 18.84
N LYS D 31 19.71 14.64 18.60
CA LYS D 31 20.67 15.66 18.22
C LYS D 31 20.47 16.09 16.77
N ALA D 32 20.18 15.14 15.88
CA ALA D 32 19.84 15.45 14.51
C ALA D 32 18.60 16.34 14.47
N ALA D 33 17.55 15.87 15.16
CA ALA D 33 16.27 16.55 15.18
C ALA D 33 16.41 17.99 15.68
N PHE D 34 17.29 18.20 16.69
CA PHE D 34 17.56 19.52 17.26
C PHE D 34 18.31 20.40 16.25
N THR D 35 19.40 19.88 15.67
CA THR D 35 20.20 20.63 14.71
C THR D 35 19.29 21.16 13.59
N VAL D 36 18.40 20.29 13.13
CA VAL D 36 17.45 20.63 12.07
C VAL D 36 16.51 21.75 12.57
N HIS D 37 15.95 21.56 13.76
CA HIS D 37 14.95 22.49 14.27
C HIS D 37 15.59 23.87 14.48
N GLU D 38 16.82 23.89 15.01
CA GLU D 38 17.52 25.12 15.32
C GLU D 38 17.97 25.82 14.04
N ALA D 39 18.44 25.06 13.05
CA ALA D 39 18.92 25.67 11.82
C ALA D 39 17.76 26.29 11.06
N ARG D 40 16.60 25.63 11.04
CA ARG D 40 15.43 26.19 10.38
C ARG D 40 14.95 27.47 11.08
N HIS D 41 14.95 27.52 12.42
CA HIS D 41 14.54 28.71 13.14
C HIS D 41 15.54 29.85 12.84
N ALA D 42 16.84 29.56 12.97
CA ALA D 42 17.89 30.54 12.72
C ALA D 42 17.75 31.14 11.32
N ILE D 43 17.50 30.29 10.32
CA ILE D 43 17.40 30.75 8.95
C ILE D 43 16.17 31.62 8.83
N HIS D 44 15.06 31.21 9.46
CA HIS D 44 13.88 32.06 9.52
C HIS D 44 14.26 33.44 10.07
N ASN D 45 15.00 33.48 11.19
CA ASN D 45 15.28 34.74 11.85
C ASN D 45 16.15 35.60 10.93
N ILE D 46 17.08 34.97 10.19
CA ILE D 46 17.97 35.73 9.33
C ILE D 46 17.19 36.30 8.15
N LEU D 47 16.19 35.55 7.67
CA LEU D 47 15.49 35.93 6.45
C LEU D 47 14.65 37.17 6.70
N VAL D 48 14.06 37.25 7.91
CA VAL D 48 13.19 38.36 8.27
C VAL D 48 13.97 39.56 8.85
N GLY D 49 15.28 39.44 9.13
CA GLY D 49 16.09 40.54 9.64
C GLY D 49 16.14 40.60 11.18
N LYS D 50 15.60 39.61 11.90
CA LYS D 50 15.73 39.57 13.36
C LYS D 50 17.14 39.19 13.78
N ASP D 51 17.89 38.58 12.86
CA ASP D 51 19.26 38.12 13.09
C ASP D 51 20.12 38.74 11.98
N ASP D 52 21.27 39.31 12.33
CA ASP D 52 22.03 40.09 11.36
C ASP D 52 23.15 39.24 10.79
N ARG D 53 23.14 37.95 11.11
CA ARG D 53 24.07 37.02 10.48
C ARG D 53 23.63 36.67 9.05
N LEU D 54 24.58 36.10 8.30
CA LEU D 54 24.38 35.61 6.94
C LEU D 54 24.22 34.09 6.96
N VAL D 55 23.22 33.59 6.23
CA VAL D 55 23.09 32.18 5.88
C VAL D 55 24.13 31.83 4.82
N VAL D 56 24.81 30.69 4.95
CA VAL D 56 25.81 30.26 3.98
C VAL D 56 25.59 28.79 3.65
N VAL D 57 25.03 28.54 2.46
CA VAL D 57 24.88 27.20 1.97
C VAL D 57 26.08 26.88 1.11
N ILE D 58 26.92 25.96 1.58
CA ILE D 58 28.21 25.72 0.97
C ILE D 58 28.41 24.23 0.93
N GLY D 59 28.83 23.72 -0.23
CA GLY D 59 29.20 22.31 -0.30
C GLY D 59 29.82 21.92 -1.63
N PRO D 60 30.09 20.60 -1.81
CA PRO D 60 30.47 20.04 -3.11
C PRO D 60 29.45 20.35 -4.20
N CYS D 61 29.90 20.33 -5.45
CA CYS D 61 28.99 20.38 -6.59
C CYS D 61 28.04 19.19 -6.49
N SER D 62 28.62 18.01 -6.25
CA SER D 62 27.85 16.82 -5.90
C SER D 62 28.67 15.86 -5.05
N ILE D 63 27.94 15.04 -4.28
CA ILE D 63 28.55 13.98 -3.50
C ILE D 63 28.72 12.75 -4.40
N HIS D 64 29.98 12.35 -4.64
CA HIS D 64 30.24 11.13 -5.38
C HIS D 64 30.70 10.03 -4.41
N ASP D 65 31.30 10.43 -3.28
CA ASP D 65 31.98 9.50 -2.39
C ASP D 65 31.70 9.91 -0.95
N THR D 66 31.06 9.04 -0.15
CA THR D 66 30.53 9.49 1.13
C THR D 66 31.65 9.65 2.16
N LYS D 67 32.77 8.96 1.95
CA LYS D 67 33.93 9.14 2.82
C LYS D 67 34.40 10.61 2.72
N ALA D 68 34.54 11.08 1.47
CA ALA D 68 34.99 12.44 1.18
C ALA D 68 34.02 13.48 1.74
N ALA D 69 32.71 13.17 1.67
CA ALA D 69 31.69 14.07 2.20
C ALA D 69 31.81 14.16 3.72
N LEU D 70 31.92 12.99 4.39
CA LEU D 70 32.04 13.00 5.84
C LEU D 70 33.29 13.75 6.28
N GLU D 71 34.36 13.66 5.49
CA GLU D 71 35.59 14.37 5.82
C GLU D 71 35.36 15.87 5.69
N TYR D 72 34.70 16.28 4.61
CA TYR D 72 34.38 17.68 4.38
C TYR D 72 33.51 18.21 5.52
N ALA D 73 32.58 17.37 6.00
CA ALA D 73 31.63 17.77 7.03
C ALA D 73 32.32 18.02 8.36
N GLU D 74 33.30 17.18 8.70
CA GLU D 74 34.05 17.35 9.94
C GLU D 74 34.73 18.72 9.92
N ARG D 75 35.42 19.07 8.81
CA ARG D 75 36.08 20.36 8.69
C ARG D 75 35.09 21.52 8.75
N LEU D 76 34.05 21.47 7.91
CA LEU D 76 33.09 22.56 7.83
C LEU D 76 32.44 22.83 9.18
N LYS D 77 32.20 21.75 9.94
CA LYS D 77 31.61 21.82 11.27
C LYS D 77 32.45 22.71 12.19
N GLU D 78 33.77 22.59 12.14
CA GLU D 78 34.64 23.39 13.00
C GLU D 78 34.54 24.86 12.61
N ILE D 79 34.40 25.13 11.30
CA ILE D 79 34.27 26.51 10.88
C ILE D 79 32.86 27.03 11.18
N ARG D 80 31.87 26.14 11.15
CA ARG D 80 30.51 26.56 11.53
C ARG D 80 30.53 27.04 12.98
N GLU D 81 31.28 26.34 13.83
CA GLU D 81 31.31 26.62 15.25
C GLU D 81 32.04 27.95 15.49
N GLU D 82 33.21 28.11 14.85
CA GLU D 82 34.00 29.31 15.03
C GLU D 82 33.27 30.56 14.51
N LEU D 83 32.63 30.48 13.35
CA LEU D 83 32.03 31.69 12.74
C LEU D 83 30.55 31.80 13.04
N LYS D 84 30.09 31.18 14.12
CA LYS D 84 28.64 31.13 14.42
C LYS D 84 28.05 32.47 14.83
N ASP D 85 28.86 33.51 14.89
CA ASP D 85 28.34 34.81 15.41
C ASP D 85 28.23 35.77 14.22
N SER D 86 28.74 35.33 13.08
CA SER D 86 28.67 36.15 11.85
C SER D 86 27.98 35.34 10.75
N LEU D 87 28.04 34.03 10.82
CA LEU D 87 27.51 33.17 9.76
C LEU D 87 26.66 32.04 10.36
N GLU D 88 25.59 31.62 9.66
CA GLU D 88 24.91 30.37 9.92
C GLU D 88 25.23 29.43 8.76
N ILE D 89 26.17 28.49 8.98
CA ILE D 89 26.70 27.67 7.91
C ILE D 89 25.94 26.34 7.83
N VAL D 90 25.52 25.98 6.60
CA VAL D 90 24.74 24.80 6.32
C VAL D 90 25.38 24.08 5.14
N MET D 91 25.54 22.76 5.22
CA MET D 91 26.25 22.03 4.18
C MET D 91 25.29 21.65 3.05
N ARG D 92 25.63 22.02 1.81
CA ARG D 92 24.92 21.54 0.64
C ARG D 92 25.24 20.06 0.44
N VAL D 93 24.21 19.23 0.34
CA VAL D 93 24.33 17.82 0.08
C VAL D 93 23.46 17.48 -1.13
N TYR D 94 24.08 17.38 -2.30
CA TYR D 94 23.36 17.15 -3.55
C TYR D 94 23.88 15.88 -4.23
N PHE D 95 22.94 15.07 -4.76
CA PHE D 95 23.23 13.90 -5.57
C PHE D 95 22.68 14.08 -6.99
N ASP D 118 20.52 0.99 -8.32
CA ASP D 118 19.44 0.66 -7.34
C ASP D 118 19.05 1.94 -6.60
N ILE D 119 17.84 2.44 -6.88
CA ILE D 119 17.38 3.68 -6.29
C ILE D 119 17.12 3.46 -4.80
N ASN D 120 16.72 2.25 -4.39
CA ASN D 120 16.57 1.94 -2.98
C ASN D 120 17.90 2.09 -2.24
N GLU D 121 19.00 1.60 -2.83
CA GLU D 121 20.31 1.77 -2.25
C GLU D 121 20.66 3.26 -2.24
N GLY D 122 20.35 3.95 -3.33
CA GLY D 122 20.64 5.39 -3.37
C GLY D 122 19.97 6.12 -2.22
N LEU D 123 18.70 5.75 -1.97
CA LEU D 123 17.97 6.39 -0.90
C LEU D 123 18.59 6.06 0.45
N ARG D 124 19.08 4.82 0.65
CA ARG D 124 19.70 4.45 1.92
C ARG D 124 20.97 5.24 2.16
N ILE D 125 21.82 5.30 1.13
CA ILE D 125 23.07 6.05 1.19
C ILE D 125 22.78 7.52 1.52
N ALA D 126 21.78 8.11 0.86
CA ALA D 126 21.46 9.53 1.02
C ALA D 126 20.97 9.85 2.43
N ARG D 127 19.97 9.10 2.88
CA ARG D 127 19.40 9.36 4.19
C ARG D 127 20.48 9.15 5.27
N GLU D 128 21.30 8.10 5.11
CA GLU D 128 22.32 7.81 6.10
C GLU D 128 23.38 8.89 6.15
N LEU D 129 23.77 9.42 4.99
CA LEU D 129 24.72 10.52 4.98
C LEU D 129 24.13 11.71 5.71
N LEU D 130 22.87 12.08 5.35
CA LEU D 130 22.23 13.25 5.94
C LEU D 130 22.12 13.12 7.47
N LEU D 131 21.67 11.93 7.93
CA LEU D 131 21.51 11.65 9.34
C LEU D 131 22.83 11.82 10.06
N THR D 132 23.92 11.26 9.52
CA THR D 132 25.21 11.31 10.18
C THR D 132 25.64 12.77 10.31
N ILE D 133 25.51 13.54 9.24
CA ILE D 133 25.97 14.91 9.27
C ILE D 133 25.16 15.74 10.27
N ASN D 134 23.83 15.58 10.27
CA ASN D 134 23.01 16.30 11.24
C ASN D 134 23.31 15.85 12.67
N ASP D 135 23.64 14.56 12.84
CA ASP D 135 23.86 14.02 14.17
C ASP D 135 25.16 14.56 14.75
N GLN D 136 26.06 15.08 13.89
CA GLN D 136 27.28 15.74 14.30
C GLN D 136 27.06 17.24 14.52
N GLY D 137 25.81 17.72 14.43
CA GLY D 137 25.48 19.12 14.69
C GLY D 137 25.79 20.07 13.50
N LEU D 138 25.79 19.51 12.27
CA LEU D 138 25.94 20.27 11.03
C LEU D 138 24.64 20.19 10.20
N PRO D 139 23.86 21.28 10.10
CA PRO D 139 22.61 21.23 9.34
C PRO D 139 22.90 21.14 7.85
N THR D 140 21.93 20.56 7.10
CA THR D 140 22.10 20.21 5.70
C THR D 140 21.01 20.85 4.82
N ALA D 141 21.38 21.05 3.55
CA ALA D 141 20.57 21.73 2.57
C ALA D 141 20.51 20.87 1.30
N GLY D 142 19.39 20.91 0.60
CA GLY D 142 19.27 20.14 -0.64
C GLY D 142 18.53 20.83 -1.77
N GLU D 143 18.30 20.09 -2.83
CA GLU D 143 17.53 20.61 -3.99
C GLU D 143 16.26 19.77 -4.08
N PHE D 144 15.10 20.42 -4.05
CA PHE D 144 13.82 19.70 -4.21
C PHE D 144 13.47 19.72 -5.70
N LEU D 145 13.61 18.57 -6.35
CA LEU D 145 13.37 18.47 -7.80
C LEU D 145 12.10 17.65 -8.06
N ASP D 146 11.58 16.98 -7.04
CA ASP D 146 10.30 16.25 -7.21
C ASP D 146 9.44 16.37 -5.95
N VAL D 147 8.23 15.79 -5.98
CA VAL D 147 7.25 15.88 -4.86
C VAL D 147 7.20 14.58 -4.04
N ILE D 148 7.97 13.56 -4.41
CA ILE D 148 7.98 12.25 -3.68
C ILE D 148 9.27 12.12 -2.86
N SER D 149 10.39 12.58 -3.40
CA SER D 149 11.71 12.49 -2.72
C SER D 149 11.79 13.26 -1.39
N PRO D 150 11.06 14.37 -1.14
CA PRO D 150 11.06 15.00 0.18
C PRO D 150 10.55 14.08 1.28
N GLN D 151 9.70 13.10 0.94
CA GLN D 151 9.09 12.22 1.95
C GLN D 151 10.14 11.30 2.58
N TYR D 152 11.34 11.25 2.00
CA TYR D 152 12.39 10.33 2.49
C TYR D 152 13.50 11.05 3.24
N VAL D 153 13.62 12.36 3.07
CA VAL D 153 14.81 13.05 3.66
C VAL D 153 14.52 14.43 4.26
N ALA D 154 13.32 15.00 4.08
CA ALA D 154 13.06 16.41 4.48
C ALA D 154 13.13 16.64 5.99
N ASP D 155 13.01 15.60 6.79
CA ASP D 155 13.09 15.68 8.27
C ASP D 155 14.55 15.94 8.68
N LEU D 156 15.49 15.77 7.75
CA LEU D 156 16.92 16.05 7.98
C LEU D 156 17.35 17.28 7.15
N MET D 157 16.40 18.11 6.76
CA MET D 157 16.75 19.23 5.85
C MET D 157 16.38 20.58 6.48
N SER D 158 17.33 21.49 6.53
CA SER D 158 17.11 22.80 7.18
C SER D 158 16.86 23.86 6.10
N TRP D 159 17.11 23.51 4.86
CA TRP D 159 16.91 24.46 3.74
C TRP D 159 16.92 23.69 2.43
N GLY D 160 16.14 24.17 1.47
CA GLY D 160 16.13 23.57 0.14
C GLY D 160 16.02 24.61 -0.94
N ALA D 161 16.50 24.27 -2.13
CA ALA D 161 16.39 25.17 -3.29
C ALA D 161 15.51 24.55 -4.37
N ILE D 162 14.65 25.35 -4.95
CA ILE D 162 13.86 24.91 -6.12
C ILE D 162 14.66 25.43 -7.31
N GLY D 163 14.85 24.62 -8.34
CA GLY D 163 15.69 25.02 -9.47
C GLY D 163 15.10 26.05 -10.38
N ALA D 164 15.93 26.70 -11.18
CA ALA D 164 15.51 27.75 -12.13
C ALA D 164 14.54 27.20 -13.18
N ARG D 165 14.57 25.90 -13.43
CA ARG D 165 13.70 25.28 -14.47
C ARG D 165 12.42 24.76 -13.83
N THR D 166 12.25 24.96 -12.53
CA THR D 166 11.05 24.46 -11.82
C THR D 166 10.43 25.57 -11.00
N THR D 167 10.96 26.79 -11.08
CA THR D 167 10.46 27.89 -10.23
C THR D 167 9.07 28.33 -10.65
N GLU D 168 8.71 28.16 -11.91
CA GLU D 168 7.37 28.58 -12.42
C GLU D 168 6.43 27.37 -12.39
N SER D 169 6.96 26.17 -12.22
CA SER D 169 6.13 24.95 -12.13
C SER D 169 5.20 25.05 -10.92
N GLN D 170 3.90 24.87 -11.13
CA GLN D 170 2.91 25.03 -10.04
C GLN D 170 3.13 23.97 -8.96
N ILE D 171 3.43 22.73 -9.34
CA ILE D 171 3.58 21.64 -8.35
C ILE D 171 4.81 21.93 -7.47
N HIS D 172 5.80 22.65 -7.98
CA HIS D 172 7.05 22.94 -7.23
C HIS D 172 6.76 24.10 -6.26
N ARG D 173 5.93 25.06 -6.67
CA ARG D 173 5.48 26.10 -5.77
C ARG D 173 4.55 25.54 -4.71
N GLU D 174 3.68 24.62 -5.12
CA GLU D 174 2.81 23.95 -4.18
C GLU D 174 3.64 23.14 -3.20
N LEU D 175 4.71 22.49 -3.67
CA LEU D 175 5.55 21.70 -2.78
C LEU D 175 6.19 22.59 -1.72
N ALA D 176 6.77 23.71 -2.17
CA ALA D 176 7.37 24.69 -1.30
C ALA D 176 6.36 25.10 -0.22
N SER D 177 5.10 25.27 -0.65
CA SER D 177 4.07 25.74 0.26
C SER D 177 3.87 24.78 1.44
N GLY D 178 4.25 23.50 1.29
CA GLY D 178 4.02 22.51 2.34
C GLY D 178 5.32 21.92 2.93
N LEU D 179 6.47 22.54 2.67
CA LEU D 179 7.73 21.99 3.17
C LEU D 179 7.98 22.55 4.57
N SER D 180 8.56 21.76 5.47
CA SER D 180 8.87 22.18 6.83
C SER D 180 10.03 23.17 6.91
N CYS D 181 10.81 23.35 5.85
CA CYS D 181 11.99 24.19 5.94
C CYS D 181 11.78 25.47 5.12
N PRO D 182 12.65 26.48 5.29
CA PRO D 182 12.75 27.58 4.34
C PRO D 182 13.13 27.08 2.94
N VAL D 183 12.78 27.86 1.91
CA VAL D 183 13.05 27.47 0.52
C VAL D 183 13.51 28.65 -0.33
N GLY D 184 14.49 28.40 -1.19
CA GLY D 184 14.97 29.37 -2.17
C GLY D 184 14.47 29.04 -3.58
N PHE D 185 13.83 30.01 -4.22
CA PHE D 185 13.51 29.90 -5.63
C PHE D 185 14.64 30.59 -6.42
N LYS D 186 15.34 29.83 -7.24
CA LYS D 186 16.25 30.41 -8.20
C LYS D 186 15.45 31.18 -9.26
N ASN D 187 16.06 32.27 -9.76
CA ASN D 187 15.51 32.98 -10.91
C ASN D 187 15.61 32.07 -12.14
N GLY D 188 14.94 32.45 -13.22
CA GLY D 188 14.90 31.63 -14.43
C GLY D 188 16.26 31.60 -15.13
N THR D 189 16.44 30.65 -16.06
CA THR D 189 17.78 30.38 -16.62
C THR D 189 18.26 31.57 -17.45
N ASP D 190 17.37 32.53 -17.75
CA ASP D 190 17.71 33.68 -18.58
C ASP D 190 17.78 34.97 -17.76
N GLY D 191 17.67 34.86 -16.43
CA GLY D 191 17.83 36.00 -15.53
C GLY D 191 16.52 36.54 -14.99
N THR D 192 15.37 36.10 -15.57
CA THR D 192 14.03 36.52 -15.20
C THR D 192 13.84 36.42 -13.69
N ILE D 193 13.50 37.55 -13.07
CA ILE D 193 13.26 37.70 -11.64
C ILE D 193 11.81 37.36 -11.30
N LYS D 194 10.87 37.66 -12.20
CA LYS D 194 9.45 37.66 -11.90
C LYS D 194 8.98 36.27 -11.47
N ILE D 195 9.53 35.19 -12.03
CA ILE D 195 8.99 33.87 -11.74
C ILE D 195 9.26 33.53 -10.28
N ALA D 196 10.38 34.00 -9.74
CA ALA D 196 10.73 33.75 -8.35
C ALA D 196 9.86 34.61 -7.43
N ILE D 197 9.59 35.85 -7.84
CA ILE D 197 8.75 36.74 -7.05
C ILE D 197 7.36 36.13 -6.95
N ASP D 198 6.81 35.66 -8.08
CA ASP D 198 5.51 34.98 -8.11
C ASP D 198 5.56 33.66 -7.34
N ALA D 199 6.69 32.96 -7.40
CA ALA D 199 6.88 31.70 -6.71
C ALA D 199 6.80 31.95 -5.22
N ILE D 200 7.58 32.93 -4.75
CA ILE D 200 7.55 33.25 -3.33
C ILE D 200 6.12 33.61 -2.97
N ASN D 201 5.48 34.42 -3.80
CA ASN D 201 4.16 34.91 -3.44
C ASN D 201 3.18 33.76 -3.34
N SER D 202 3.27 32.83 -4.28
CA SER D 202 2.38 31.68 -4.31
C SER D 202 2.64 30.70 -3.16
N ALA D 203 3.91 30.52 -2.78
CA ALA D 203 4.31 29.50 -1.82
C ALA D 203 3.81 29.83 -0.42
N ARG D 204 3.56 31.12 -0.15
CA ARG D 204 2.98 31.57 1.10
C ARG D 204 1.49 31.19 1.27
N SER D 205 0.80 30.72 0.23
CA SER D 205 -0.62 30.37 0.36
C SER D 205 -0.83 28.87 0.59
N ALA D 206 -2.03 28.49 1.07
CA ALA D 206 -2.37 27.07 1.19
C ALA D 206 -2.58 26.49 -0.22
N HIS D 207 -2.21 25.24 -0.43
CA HIS D 207 -2.33 24.59 -1.73
C HIS D 207 -2.59 23.10 -1.54
N SER D 208 -2.81 22.42 -2.67
CA SER D 208 -2.91 20.96 -2.72
C SER D 208 -2.02 20.42 -3.83
N PHE D 209 -1.49 19.21 -3.60
CA PHE D 209 -0.65 18.50 -4.60
C PHE D 209 -0.74 16.98 -4.35
N LEU D 210 -0.36 16.19 -5.33
CA LEU D 210 -0.40 14.72 -5.20
C LEU D 210 1.00 14.16 -4.93
N SER D 211 1.12 13.34 -3.89
CA SER D 211 2.39 12.64 -3.61
C SER D 211 1.96 11.45 -2.77
N VAL D 212 2.90 10.92 -2.02
CA VAL D 212 2.62 9.70 -1.22
C VAL D 212 2.71 9.93 0.28
N THR D 213 2.01 9.11 1.04
CA THR D 213 2.15 9.10 2.49
C THR D 213 3.49 8.50 2.87
N LYS D 214 3.82 8.64 4.16
CA LYS D 214 4.96 7.96 4.73
C LYS D 214 4.87 6.46 4.45
N TRP D 215 3.65 5.95 4.28
CA TRP D 215 3.43 4.52 4.08
C TRP D 215 3.60 4.11 2.60
N GLY D 216 3.79 5.10 1.73
CA GLY D 216 4.12 4.91 0.33
C GLY D 216 2.92 4.97 -0.60
N HIS D 217 1.75 5.39 -0.12
CA HIS D 217 0.52 5.27 -0.88
C HIS D 217 0.18 6.61 -1.52
N SER D 218 -0.38 6.59 -2.75
CA SER D 218 -0.79 7.83 -3.41
C SER D 218 -1.68 8.65 -2.48
N ALA D 219 -1.47 9.97 -2.51
CA ALA D 219 -2.07 10.81 -1.51
C ALA D 219 -2.30 12.23 -2.01
N ILE D 220 -3.24 12.88 -1.33
CA ILE D 220 -3.51 14.30 -1.49
C ILE D 220 -2.90 14.99 -0.27
N VAL D 221 -2.04 15.99 -0.55
CA VAL D 221 -1.37 16.75 0.47
C VAL D 221 -1.94 18.16 0.43
N ASN D 222 -2.52 18.60 1.57
CA ASN D 222 -3.02 19.95 1.75
C ASN D 222 -2.05 20.74 2.62
N THR D 223 -1.56 21.88 2.09
CA THR D 223 -0.49 22.63 2.72
C THR D 223 -1.08 23.83 3.44
N SER D 224 -0.30 24.38 4.39
CA SER D 224 -0.72 25.52 5.17
C SER D 224 -0.09 26.81 4.64
N GLY D 225 0.83 26.73 3.68
CA GLY D 225 1.55 27.90 3.20
C GLY D 225 2.83 28.10 4.00
N ASN D 226 3.90 28.52 3.31
CA ASN D 226 5.26 28.66 3.85
C ASN D 226 5.72 30.12 3.68
N PRO D 227 5.83 30.91 4.78
CA PRO D 227 6.27 32.29 4.66
C PRO D 227 7.77 32.38 4.44
N ASP D 228 8.49 31.29 4.70
CA ASP D 228 9.95 31.32 4.70
C ASP D 228 10.48 30.95 3.31
N CYS D 229 10.03 31.63 2.26
CA CYS D 229 10.64 31.43 0.95
C CYS D 229 11.26 32.76 0.49
N HIS D 230 12.36 32.70 -0.27
CA HIS D 230 13.11 33.86 -0.68
C HIS D 230 13.74 33.56 -2.04
N ILE D 231 14.20 34.61 -2.72
CA ILE D 231 14.83 34.44 -4.03
C ILE D 231 16.28 34.03 -3.86
N ILE D 232 16.80 33.32 -4.88
CA ILE D 232 18.21 33.04 -5.06
C ILE D 232 18.63 33.65 -6.40
N LEU D 233 19.66 34.51 -6.37
CA LEU D 233 20.20 35.08 -7.62
C LEU D 233 21.33 34.16 -8.11
N ARG D 234 21.10 33.48 -9.23
CA ARG D 234 22.08 32.53 -9.80
C ARG D 234 22.47 32.91 -11.22
N GLY D 235 22.48 34.22 -11.54
CA GLY D 235 22.96 34.66 -12.87
C GLY D 235 21.84 34.78 -13.87
N GLY D 236 21.71 33.80 -14.77
CA GLY D 236 20.69 33.88 -15.83
C GLY D 236 21.36 34.16 -17.16
N LYS D 237 21.12 35.35 -17.74
CA LYS D 237 21.82 35.71 -19.00
C LYS D 237 22.83 36.82 -18.66
N GLU D 238 22.87 37.25 -17.40
CA GLU D 238 23.81 38.33 -16.97
C GLU D 238 24.02 38.21 -15.45
N PRO D 239 25.25 37.99 -14.96
CA PRO D 239 25.46 37.84 -13.52
C PRO D 239 24.64 38.83 -12.73
N ASN D 240 23.75 38.34 -11.86
CA ASN D 240 22.82 39.26 -11.13
C ASN D 240 23.34 39.56 -9.73
N TYR D 241 24.66 39.55 -9.51
CA TYR D 241 25.16 39.77 -8.12
C TYR D 241 25.60 41.21 -7.92
N SER D 242 25.51 42.03 -8.97
CA SER D 242 25.88 43.47 -8.86
C SER D 242 24.95 44.18 -7.87
N ALA D 243 25.42 45.29 -7.32
CA ALA D 243 24.60 46.07 -6.37
C ALA D 243 23.32 46.54 -7.03
N GLU D 244 23.38 46.92 -8.31
CA GLU D 244 22.19 47.44 -9.02
C GLU D 244 21.26 46.27 -9.33
N HIS D 245 21.82 45.13 -9.70
CA HIS D 245 20.99 43.92 -9.92
C HIS D 245 20.32 43.59 -8.59
N VAL D 246 21.06 43.70 -7.49
CA VAL D 246 20.50 43.47 -6.17
C VAL D 246 19.46 44.55 -5.82
N LYS D 247 19.75 45.80 -6.22
CA LYS D 247 18.84 46.91 -6.02
C LYS D 247 17.53 46.67 -6.78
N ALA D 248 17.62 46.22 -8.04
CA ALA D 248 16.43 45.98 -8.88
C ALA D 248 15.61 44.80 -8.34
N VAL D 249 16.28 43.76 -7.81
CA VAL D 249 15.60 42.62 -7.21
C VAL D 249 14.83 43.04 -5.95
N ARG D 250 15.55 43.76 -5.09
CA ARG D 250 14.99 44.27 -3.84
C ARG D 250 13.71 45.06 -4.12
N GLU D 251 13.76 45.97 -5.10
CA GLU D 251 12.61 46.81 -5.43
C GLU D 251 11.47 45.98 -6.01
N GLY D 252 11.79 44.93 -6.78
CA GLY D 252 10.79 44.03 -7.32
C GLY D 252 10.09 43.20 -6.24
N LEU D 253 10.86 42.84 -5.18
CA LEU D 253 10.32 42.17 -4.01
C LEU D 253 9.44 43.14 -3.21
N ILE D 254 9.90 44.39 -3.07
CA ILE D 254 9.17 45.34 -2.24
C ILE D 254 7.83 45.66 -2.92
N ASN D 255 7.83 45.93 -4.22
CA ASN D 255 6.60 46.15 -4.97
C ASN D 255 5.58 45.04 -4.81
N ALA D 256 6.06 43.81 -4.77
CA ALA D 256 5.19 42.65 -4.70
C ALA D 256 4.70 42.41 -3.26
N GLY D 257 5.21 43.23 -2.31
CA GLY D 257 4.78 43.18 -0.93
C GLY D 257 5.58 42.16 -0.11
N LEU D 258 6.78 41.83 -0.56
CA LEU D 258 7.59 40.76 0.04
C LEU D 258 8.78 41.38 0.77
N ILE D 259 9.26 40.66 1.79
CA ILE D 259 10.46 41.02 2.53
C ILE D 259 11.63 41.09 1.55
N PRO D 260 12.40 42.19 1.48
CA PRO D 260 13.57 42.25 0.59
C PRO D 260 14.75 41.42 1.12
N SER D 261 14.60 40.08 1.04
CA SER D 261 15.58 39.13 1.58
C SER D 261 16.11 38.23 0.46
N ILE D 262 17.42 38.31 0.19
CA ILE D 262 18.03 37.89 -1.06
C ILE D 262 19.22 36.99 -0.78
N MET D 263 19.30 35.85 -1.47
CA MET D 263 20.46 34.98 -1.40
C MET D 263 21.16 35.02 -2.76
N ILE D 264 22.50 35.10 -2.75
CA ILE D 264 23.26 35.15 -3.99
C ILE D 264 24.10 33.89 -4.15
N ASP D 265 23.84 33.14 -5.23
CA ASP D 265 24.64 31.97 -5.60
C ASP D 265 25.92 32.46 -6.27
N PHE D 266 27.08 32.09 -5.72
CA PHE D 266 28.35 32.55 -6.25
C PHE D 266 28.73 31.72 -7.49
N SER D 267 28.06 30.60 -7.67
CA SER D 267 28.46 29.64 -8.68
C SER D 267 27.48 29.68 -9.87
N HIS D 268 27.41 28.57 -10.59
CA HIS D 268 26.50 28.33 -11.72
C HIS D 268 26.74 29.41 -12.77
N ALA D 269 25.71 30.21 -13.11
CA ALA D 269 25.80 31.15 -14.22
C ALA D 269 26.20 32.55 -13.74
N ASN D 270 26.60 32.67 -12.46
CA ASN D 270 27.33 33.84 -11.97
C ASN D 270 28.84 33.65 -12.22
N SER D 271 29.24 32.42 -12.61
CA SER D 271 30.52 32.15 -13.26
C SER D 271 30.53 30.71 -13.83
N LYS D 277 36.66 33.01 -10.33
CA LYS D 277 35.42 33.81 -10.57
C LYS D 277 34.54 33.82 -9.33
N GLN D 278 34.45 32.67 -8.64
CA GLN D 278 33.74 32.59 -7.37
C GLN D 278 34.35 33.52 -6.33
N MET D 279 35.69 33.66 -6.37
CA MET D 279 36.39 34.55 -5.45
C MET D 279 36.09 36.01 -5.77
N GLU D 280 35.91 36.34 -7.07
CA GLU D 280 35.62 37.72 -7.46
C GLU D 280 34.20 38.07 -7.02
N VAL D 281 33.29 37.07 -7.07
CA VAL D 281 31.91 37.33 -6.68
C VAL D 281 31.87 37.57 -5.18
N ALA D 282 32.63 36.77 -4.43
CA ALA D 282 32.69 36.89 -2.97
C ALA D 282 33.23 38.26 -2.55
N THR D 283 34.25 38.76 -3.26
CA THR D 283 34.78 40.08 -3.00
C THR D 283 33.68 41.12 -3.22
N ASP D 284 33.01 41.05 -4.37
CA ASP D 284 32.02 42.04 -4.76
C ASP D 284 30.85 42.03 -3.76
N VAL D 285 30.44 40.85 -3.30
CA VAL D 285 29.33 40.70 -2.36
C VAL D 285 29.78 41.18 -0.97
N SER D 286 31.01 40.82 -0.59
CA SER D 286 31.51 41.22 0.71
C SER D 286 31.49 42.75 0.84
N THR D 287 31.84 43.42 -0.26
CA THR D 287 31.72 44.87 -0.41
C THR D 287 30.34 45.36 -0.01
N GLN D 288 29.31 44.83 -0.68
CA GLN D 288 27.96 45.31 -0.51
C GLN D 288 27.54 45.09 0.93
N LEU D 289 27.91 43.95 1.52
CA LEU D 289 27.65 43.67 2.92
C LEU D 289 28.35 44.73 3.79
N SER D 290 29.63 45.03 3.50
CA SER D 290 30.40 46.06 4.21
C SER D 290 29.77 47.46 4.09
N GLN D 291 29.26 47.83 2.89
CA GLN D 291 28.59 49.12 2.67
C GLN D 291 27.32 49.24 3.52
N GLY D 292 26.77 48.10 3.94
CA GLY D 292 25.64 48.08 4.86
C GLY D 292 24.36 47.54 4.23
N ASP D 293 24.47 46.61 3.27
CA ASP D 293 23.28 46.07 2.62
C ASP D 293 22.70 44.91 3.42
N ARG D 294 21.62 45.21 4.14
CA ARG D 294 20.98 44.28 5.04
C ARG D 294 19.98 43.39 4.28
N SER D 295 19.84 43.64 2.97
CA SER D 295 18.92 42.91 2.12
C SER D 295 19.51 41.59 1.65
N ILE D 296 20.84 41.49 1.64
CA ILE D 296 21.54 40.27 1.27
C ILE D 296 21.65 39.38 2.51
N THR D 297 20.84 38.31 2.59
CA THR D 297 20.68 37.52 3.82
C THR D 297 21.29 36.12 3.69
N GLY D 298 21.78 35.73 2.51
CA GLY D 298 22.41 34.42 2.32
C GLY D 298 23.29 34.39 1.09
N VAL D 299 24.15 33.36 0.99
CA VAL D 299 24.97 33.13 -0.20
C VAL D 299 25.09 31.62 -0.36
N MET D 300 25.39 31.18 -1.60
CA MET D 300 25.71 29.81 -1.94
C MET D 300 27.10 29.72 -2.53
N ILE D 301 27.83 28.68 -2.14
CA ILE D 301 29.21 28.48 -2.54
C ILE D 301 29.35 27.02 -2.91
N GLU D 302 30.10 26.74 -3.97
CA GLU D 302 30.49 25.39 -4.35
C GLU D 302 31.95 25.17 -3.98
N SER D 303 32.19 24.07 -3.25
CA SER D 303 33.46 23.87 -2.57
C SER D 303 33.76 22.38 -2.47
N HIS D 304 34.99 22.00 -2.85
CA HIS D 304 35.39 20.62 -3.07
C HIS D 304 36.55 20.28 -2.12
N LEU D 305 36.84 18.96 -2.02
CA LEU D 305 38.12 18.45 -1.52
C LEU D 305 38.85 17.80 -2.72
N CYS D 328 33.79 24.69 -8.41
CA CYS D 328 34.32 24.25 -7.09
C CYS D 328 35.66 24.93 -6.82
N ILE D 329 35.82 25.50 -5.61
CA ILE D 329 37.10 25.97 -5.10
C ILE D 329 37.62 24.98 -4.04
N GLY D 330 38.92 25.05 -3.75
CA GLY D 330 39.57 24.12 -2.85
C GLY D 330 39.34 24.50 -1.39
N TRP D 331 39.73 23.61 -0.48
CA TRP D 331 39.45 23.81 0.92
C TRP D 331 40.14 25.07 1.47
N ASP D 332 41.37 25.33 1.01
CA ASP D 332 42.14 26.47 1.48
C ASP D 332 41.37 27.76 1.17
N ASP D 333 40.86 27.83 -0.07
CA ASP D 333 40.14 28.99 -0.58
C ASP D 333 38.74 29.07 0.05
N THR D 334 38.21 27.92 0.49
CA THR D 334 36.92 27.89 1.16
C THR D 334 37.02 28.58 2.52
N GLU D 335 38.07 28.29 3.28
CA GLU D 335 38.24 28.94 4.56
C GLU D 335 38.38 30.45 4.35
N LYS D 336 39.23 30.83 3.39
CA LYS D 336 39.53 32.22 3.06
C LYS D 336 38.24 33.02 2.85
N VAL D 337 37.34 32.49 2.02
CA VAL D 337 36.17 33.24 1.61
C VAL D 337 35.20 33.38 2.78
N LEU D 338 35.07 32.32 3.58
CA LEU D 338 34.19 32.29 4.75
C LEU D 338 34.62 33.37 5.74
N ARG D 339 35.93 33.50 5.95
CA ARG D 339 36.43 34.51 6.87
C ARG D 339 36.20 35.91 6.32
N GLN D 340 36.24 36.06 4.99
CA GLN D 340 36.01 37.33 4.32
C GLN D 340 34.56 37.81 4.52
N LEU D 341 33.60 36.87 4.33
CA LEU D 341 32.17 37.15 4.47
C LEU D 341 31.85 37.44 5.95
N SER D 342 32.45 36.65 6.84
CA SER D 342 32.37 36.88 8.28
C SER D 342 32.74 38.33 8.60
N GLU D 343 33.92 38.76 8.13
CA GLU D 343 34.40 40.13 8.31
C GLU D 343 33.38 41.12 7.76
N ALA D 344 32.81 40.81 6.59
CA ALA D 344 31.86 41.71 5.95
C ALA D 344 30.61 41.87 6.81
N VAL D 345 30.17 40.78 7.49
CA VAL D 345 28.96 40.81 8.31
C VAL D 345 29.18 41.70 9.54
N ILE D 346 30.34 41.51 10.16
CA ILE D 346 30.69 42.28 11.35
C ILE D 346 30.78 43.76 10.97
N ALA D 347 31.41 44.08 9.84
CA ALA D 347 31.47 45.47 9.38
C ALA D 347 30.06 45.99 9.07
N ARG D 348 29.16 45.12 8.59
CA ARG D 348 27.79 45.52 8.30
C ARG D 348 27.08 45.93 9.60
N ARG D 349 27.38 45.26 10.72
CA ARG D 349 26.79 45.61 12.01
C ARG D 349 27.01 47.09 12.33
N ASN D 350 28.18 47.61 11.95
CA ASN D 350 28.66 48.93 12.33
C ASN D 350 28.20 49.98 11.30
N LYS D 351 28.58 49.79 10.03
CA LYS D 351 28.50 50.87 9.03
C LYS D 351 27.05 50.99 8.52
C1 PEG E . 26.02 -35.44 30.09
O1 PEG E . 26.59 -34.27 29.54
C2 PEG E . 26.50 -35.73 31.54
O2 PEG E . 25.42 -35.81 32.47
C3 PEG E . 24.60 -36.98 32.33
C4 PEG E . 23.23 -36.82 32.98
O4 PEG E . 22.49 -38.03 32.94
N PHE F . 7.68 -15.75 4.78
CA PHE F . 7.22 -17.10 5.21
C PHE F . 8.42 -18.07 5.30
O PHE F . 9.36 -17.67 4.59
CB PHE F . 6.14 -17.56 4.21
CG PHE F . 4.93 -16.64 4.18
CD1 PHE F . 4.77 -15.75 3.13
CD2 PHE F . 4.02 -16.63 5.21
CE1 PHE F . 3.68 -14.90 3.09
CE2 PHE F . 2.95 -15.75 5.20
CZ PHE F . 2.78 -14.86 4.13
OXT PHE F . 8.42 -19.18 5.92
N PHE G . -15.17 -5.65 7.89
CA PHE G . -15.60 -6.54 9.00
C PHE G . -17.06 -6.22 9.39
O PHE G . -17.36 -5.05 9.10
CB PHE G . -14.61 -6.37 10.15
CG PHE G . -13.19 -6.74 9.75
CD1 PHE G . -12.26 -5.75 9.47
CD2 PHE G . -12.82 -8.08 9.59
CE1 PHE G . -10.97 -6.10 9.09
CE2 PHE G . -11.54 -8.42 9.20
CZ PHE G . -10.61 -7.41 8.93
OXT PHE G . -17.83 -7.02 10.02
N PHE H . 0.58 5.13 -17.54
CA PHE H . 1.27 6.21 -18.29
C PHE H . 0.96 6.11 -19.80
O PHE H . 1.10 7.15 -20.50
CB PHE H . 2.76 6.10 -17.94
CG PHE H . 3.00 6.31 -16.46
CD1 PHE H . 2.97 7.59 -15.91
CD2 PHE H . 3.20 5.23 -15.62
CE1 PHE H . 3.15 7.77 -14.55
CE2 PHE H . 3.39 5.41 -14.26
CZ PHE H . 3.40 6.68 -13.74
OXT PHE H . 0.46 5.05 -20.20
N PHE I . 7.46 15.71 4.41
CA PHE I . 7.66 17.10 3.89
C PHE I . 8.26 18.00 4.99
O PHE I . 8.90 19.00 4.59
CB PHE I . 6.31 17.60 3.34
CG PHE I . 5.78 16.71 2.24
CD1 PHE I . 4.76 15.80 2.49
CD2 PHE I . 6.36 16.75 0.96
CE1 PHE I . 4.29 14.98 1.47
CE2 PHE I . 5.90 15.92 -0.03
CZ PHE I . 4.88 15.03 0.24
OXT PHE I . 8.08 17.59 6.19
#